data_5K6Y
#
_entry.id   5K6Y
#
_cell.length_a   82.610
_cell.length_b   88.290
_cell.length_c   106.560
_cell.angle_alpha   90.00
_cell.angle_beta   90.00
_cell.angle_gamma   90.00
#
_symmetry.space_group_name_H-M   'P 21 21 21'
#
loop_
_entity.id
_entity.type
_entity.pdbx_description
1 polymer 'Protein sidekick-2'
2 branched 2-acetamido-2-deoxy-beta-D-glucopyranose-(1-4)-[alpha-L-fucopyranose-(1-6)]2-acetamido-2-deoxy-beta-D-glucopyranose
3 branched 2-acetamido-2-deoxy-beta-D-glucopyranose-(1-4)-2-acetamido-2-deoxy-beta-D-glucopyranose
4 water water
#
_entity_poly.entity_id   1
_entity_poly.type   'polypeptide(L)'
_entity_poly.pdbx_seq_one_letter_code
;GPAGAQDDVPPYFKTEPVRTQVHLEGNRLVLTCMAEGSWPLEFKWLHNNRELTRFSLEYRYMITSLDRTHAGFYRCIVRN
RMGALLQRQTEVQVAYMGSFEEGEKRQSVNHGEAAVIRAPRISSFPRPQVTWFRDGRKIPPSSRIAITLENTLVILSTVA
PDAGRYYVQAVNDKNGDNKTSQPITLAVENVGGPADPIAPTIIIPPKNTSVVAGTSEVTMECVANARPLIKLHIVWKKDG
APLSSGISDYNRRLTIANPTVSDAGYYECEAMLRSSSVAPVTRGAYLSVLEPPQFVREPERHITAEMEKVVDIPCRAKGV
PPPSITWYKDAALVEVGKLTRFKQRSDGGLQISGLLPDDTGMLQCFAHNAAGEAQTSTYLAVTS
;
_entity_poly.pdbx_strand_id   A,B
#
loop_
_chem_comp.id
_chem_comp.type
_chem_comp.name
_chem_comp.formula
FUC L-saccharide, alpha linking alpha-L-fucopyranose 'C6 H12 O5'
NAG D-saccharide, beta linking 2-acetamido-2-deoxy-beta-D-glucopyranose 'C8 H15 N O6'
#
# COMPACT_ATOMS: atom_id res chain seq x y z
N ASP A 8 -21.89 -29.13 -6.01
CA ASP A 8 -20.79 -29.84 -5.37
C ASP A 8 -19.45 -29.28 -5.81
N VAL A 9 -19.25 -27.98 -5.59
CA VAL A 9 -18.01 -27.31 -5.93
C VAL A 9 -17.26 -26.87 -4.66
N PRO A 10 -15.97 -27.25 -4.55
CA PRO A 10 -15.14 -26.90 -3.40
C PRO A 10 -15.04 -25.38 -3.23
N PRO A 11 -14.81 -24.93 -1.98
CA PRO A 11 -14.81 -23.50 -1.67
C PRO A 11 -13.67 -22.73 -2.33
N TYR A 12 -13.86 -21.43 -2.47
CA TYR A 12 -12.84 -20.53 -2.98
C TYR A 12 -13.19 -19.11 -2.60
N PHE A 13 -12.18 -18.27 -2.44
CA PHE A 13 -12.41 -16.88 -2.03
C PHE A 13 -12.61 -15.99 -3.25
N LYS A 14 -13.69 -15.20 -3.24
CA LYS A 14 -13.94 -14.28 -4.33
C LYS A 14 -12.98 -13.11 -4.22
N THR A 15 -12.64 -12.75 -2.99
CA THR A 15 -11.67 -11.70 -2.72
C THR A 15 -10.85 -12.06 -1.48
N GLU A 16 -9.66 -11.47 -1.37
CA GLU A 16 -8.83 -11.65 -0.20
C GLU A 16 -8.58 -10.30 0.46
N PRO A 17 -8.50 -10.27 1.80
CA PRO A 17 -8.35 -9.00 2.52
C PRO A 17 -6.95 -8.42 2.40
N VAL A 18 -6.82 -7.11 2.60
CA VAL A 18 -5.53 -6.45 2.59
C VAL A 18 -4.66 -6.93 3.74
N ARG A 19 -3.34 -6.86 3.56
CA ARG A 19 -2.39 -7.37 4.55
C ARG A 19 -2.39 -6.56 5.85
N THR A 20 -2.63 -5.26 5.74
CA THR A 20 -2.59 -4.38 6.91
C THR A 20 -3.69 -3.32 6.88
N GLN A 21 -4.25 -3.03 8.06
CA GLN A 21 -5.32 -2.05 8.19
C GLN A 21 -5.13 -1.17 9.40
N VAL A 22 -5.27 0.14 9.20
CA VAL A 22 -5.19 1.09 10.31
C VAL A 22 -6.56 1.70 10.59
N HIS A 23 -7.02 1.56 11.82
CA HIS A 23 -8.32 2.08 12.21
C HIS A 23 -8.23 2.88 13.50
N LEU A 24 -9.17 3.81 13.69
CA LEU A 24 -9.18 4.63 14.89
C LEU A 24 -9.92 3.93 16.02
N GLU A 25 -9.51 4.21 17.26
CA GLU A 25 -10.22 3.71 18.43
C GLU A 25 -11.65 4.26 18.46
N GLY A 26 -12.61 3.39 18.77
CA GLY A 26 -14.00 3.80 18.86
C GLY A 26 -14.76 3.65 17.55
N ASN A 27 -14.03 3.46 16.46
CA ASN A 27 -14.63 3.23 15.16
C ASN A 27 -15.08 1.77 15.02
N ARG A 28 -15.96 1.50 14.06
CA ARG A 28 -16.44 0.14 13.86
C ARG A 28 -15.62 -0.58 12.79
N LEU A 29 -15.35 -1.86 13.03
CA LEU A 29 -14.59 -2.69 12.12
C LEU A 29 -15.43 -3.84 11.60
N VAL A 30 -15.45 -4.01 10.28
CA VAL A 30 -16.20 -5.09 9.66
C VAL A 30 -15.30 -6.00 8.83
N LEU A 31 -15.01 -7.18 9.37
CA LEU A 31 -14.25 -8.18 8.63
C LEU A 31 -15.21 -9.10 7.87
N THR A 32 -14.87 -9.40 6.63
CA THR A 32 -15.72 -10.25 5.81
C THR A 32 -14.95 -11.43 5.21
N CYS A 33 -15.61 -12.59 5.16
CA CYS A 33 -15.03 -13.78 4.54
C CYS A 33 -15.73 -14.03 3.21
N MET A 34 -15.24 -13.39 2.16
CA MET A 34 -15.91 -13.42 0.86
C MET A 34 -15.58 -14.67 0.06
N ALA A 35 -16.30 -15.76 0.33
CA ALA A 35 -16.10 -17.00 -0.40
C ALA A 35 -17.39 -17.45 -1.05
N GLU A 36 -17.27 -18.17 -2.17
CA GLU A 36 -18.42 -18.75 -2.83
C GLU A 36 -18.22 -20.26 -2.99
N GLY A 37 -19.33 -20.99 -3.11
CA GLY A 37 -19.28 -22.44 -3.22
C GLY A 37 -20.61 -23.07 -2.86
N SER A 38 -20.67 -24.39 -2.91
CA SER A 38 -21.91 -25.11 -2.65
C SER A 38 -22.32 -25.00 -1.18
N TRP A 39 -23.63 -25.00 -0.96
CA TRP A 39 -24.18 -24.95 0.40
C TRP A 39 -24.02 -26.30 1.10
N PRO A 40 -23.88 -26.27 2.43
CA PRO A 40 -23.82 -25.08 3.28
C PRO A 40 -22.40 -24.53 3.41
N LEU A 41 -22.23 -23.25 3.05
CA LEU A 41 -20.94 -22.60 3.14
C LEU A 41 -20.82 -21.88 4.49
N GLU A 42 -20.05 -22.44 5.41
CA GLU A 42 -19.98 -21.88 6.76
C GLU A 42 -18.61 -21.30 7.10
N PHE A 43 -18.57 -20.40 8.08
CA PHE A 43 -17.38 -19.61 8.36
C PHE A 43 -17.00 -19.61 9.84
N LYS A 44 -15.70 -19.61 10.11
CA LYS A 44 -15.18 -19.52 11.47
C LYS A 44 -14.12 -18.41 11.54
N TRP A 45 -14.04 -17.70 12.67
CA TRP A 45 -13.08 -16.61 12.77
C TRP A 45 -11.97 -16.85 13.80
N LEU A 46 -10.77 -16.39 13.44
CA LEU A 46 -9.57 -16.56 14.26
C LEU A 46 -8.88 -15.21 14.52
N HIS A 47 -8.49 -15.01 15.78
CA HIS A 47 -7.69 -13.84 16.17
C HIS A 47 -6.36 -14.31 16.76
N ASN A 48 -5.27 -13.96 16.08
CA ASN A 48 -3.93 -14.42 16.45
C ASN A 48 -3.88 -15.95 16.56
N ASN A 49 -4.39 -16.62 15.54
CA ASN A 49 -4.44 -18.08 15.47
C ASN A 49 -5.18 -18.70 16.65
N ARG A 50 -6.14 -17.96 17.20
CA ARG A 50 -7.00 -18.47 18.26
C ARG A 50 -8.47 -18.29 17.87
N GLU A 51 -9.28 -19.32 18.12
CA GLU A 51 -10.68 -19.30 17.70
C GLU A 51 -11.51 -18.26 18.43
N LEU A 52 -12.20 -17.43 17.65
CA LEU A 52 -13.12 -16.44 18.21
C LEU A 52 -14.55 -16.97 18.21
N THR A 53 -14.90 -17.65 17.14
CA THR A 53 -16.26 -18.16 16.96
C THR A 53 -16.25 -19.62 16.52
N ARG A 54 -17.44 -20.22 16.52
CA ARG A 54 -17.62 -21.55 15.95
C ARG A 54 -18.12 -21.39 14.52
N PHE A 55 -18.12 -22.48 13.76
CA PHE A 55 -18.61 -22.45 12.38
C PHE A 55 -20.07 -22.04 12.32
N SER A 56 -20.37 -21.10 11.44
CA SER A 56 -21.74 -20.57 11.32
C SER A 56 -21.94 -19.93 9.95
N LEU A 57 -23.17 -19.52 9.67
CA LEU A 57 -23.49 -18.91 8.39
C LEU A 57 -23.15 -17.42 8.38
N GLU A 58 -22.60 -16.93 9.49
CA GLU A 58 -22.21 -15.53 9.59
C GLU A 58 -20.82 -15.30 9.04
N TYR A 59 -20.76 -14.71 7.85
CA TYR A 59 -19.50 -14.47 7.17
C TYR A 59 -18.80 -13.21 7.66
N ARG A 60 -19.44 -12.48 8.56
CA ARG A 60 -18.89 -11.24 9.09
C ARG A 60 -18.40 -11.37 10.53
N TYR A 61 -17.29 -10.71 10.83
CA TYR A 61 -16.89 -10.46 12.22
C TYR A 61 -16.85 -8.96 12.46
N MET A 62 -17.71 -8.48 13.34
CA MET A 62 -17.87 -7.05 13.54
C MET A 62 -17.52 -6.59 14.95
N ILE A 63 -16.69 -5.55 15.04
CA ILE A 63 -16.37 -4.92 16.31
C ILE A 63 -16.93 -3.50 16.29
N THR A 64 -17.98 -3.28 17.08
CA THR A 64 -18.71 -2.00 17.04
C THR A 64 -17.88 -0.83 17.55
N SER A 65 -17.07 -1.07 18.58
CA SER A 65 -16.23 -0.02 19.13
C SER A 65 -14.79 -0.52 19.30
N LEU A 66 -13.92 -0.10 18.40
CA LEU A 66 -12.52 -0.54 18.39
C LEU A 66 -11.72 -0.04 19.58
N ASP A 67 -10.89 -0.92 20.12
CA ASP A 67 -9.99 -0.58 21.22
C ASP A 67 -8.57 -0.96 20.79
N ARG A 68 -7.58 -0.49 21.54
CA ARG A 68 -6.18 -0.79 21.25
C ARG A 68 -5.89 -2.28 21.42
N THR A 69 -6.62 -2.93 22.32
CA THR A 69 -6.45 -4.35 22.59
C THR A 69 -6.98 -5.25 21.46
N HIS A 70 -7.75 -4.66 20.55
CA HIS A 70 -8.31 -5.41 19.44
C HIS A 70 -7.31 -5.57 18.30
N ALA A 71 -6.21 -4.83 18.39
CA ALA A 71 -5.15 -4.90 17.38
C ALA A 71 -4.54 -6.30 17.31
N GLY A 72 -4.17 -6.72 16.10
CA GLY A 72 -3.61 -8.05 15.90
C GLY A 72 -4.01 -8.67 14.59
N PHE A 73 -3.77 -9.96 14.45
CA PHE A 73 -4.04 -10.67 13.20
C PHE A 73 -5.39 -11.40 13.22
N TYR A 74 -6.20 -11.14 12.19
CA TYR A 74 -7.48 -11.81 12.03
C TYR A 74 -7.54 -12.61 10.74
N ARG A 75 -8.18 -13.77 10.76
CA ARG A 75 -8.36 -14.57 9.55
C ARG A 75 -9.56 -15.49 9.67
N CYS A 76 -10.18 -15.84 8.54
CA CYS A 76 -11.34 -16.72 8.59
C CYS A 76 -11.09 -18.07 7.92
N ILE A 77 -11.87 -19.06 8.31
CA ILE A 77 -11.87 -20.36 7.69
C ILE A 77 -13.23 -20.62 7.05
N VAL A 78 -13.25 -20.89 5.75
CA VAL A 78 -14.51 -21.19 5.08
C VAL A 78 -14.58 -22.68 4.78
N ARG A 79 -15.74 -23.31 4.98
CA ARG A 79 -15.83 -24.73 4.71
C ARG A 79 -17.21 -25.21 4.24
N ASN A 80 -17.19 -26.35 3.55
CA ASN A 80 -18.40 -27.08 3.21
C ASN A 80 -18.10 -28.57 3.06
N ARG A 81 -19.05 -29.32 2.51
CA ARG A 81 -18.94 -30.77 2.40
C ARG A 81 -17.72 -31.22 1.61
N MET A 82 -17.15 -30.32 0.83
CA MET A 82 -15.96 -30.62 0.03
C MET A 82 -14.67 -30.46 0.84
N GLY A 83 -14.65 -29.49 1.75
CA GLY A 83 -13.44 -29.21 2.52
C GLY A 83 -13.39 -27.81 3.10
N ALA A 84 -12.18 -27.39 3.50
CA ALA A 84 -12.01 -26.09 4.15
C ALA A 84 -10.81 -25.31 3.60
N LEU A 85 -10.92 -23.98 3.65
CA LEU A 85 -9.85 -23.07 3.24
C LEU A 85 -9.55 -22.02 4.30
N LEU A 86 -8.26 -21.76 4.47
CA LEU A 86 -7.75 -20.69 5.32
C LEU A 86 -7.63 -19.37 4.56
N GLN A 87 -8.27 -18.33 5.08
CA GLN A 87 -8.16 -17.00 4.50
C GLN A 87 -6.77 -16.42 4.74
N ARG A 88 -6.32 -15.56 3.83
CA ARG A 88 -5.10 -14.80 4.06
C ARG A 88 -5.33 -13.89 5.26
N GLN A 89 -4.42 -13.92 6.22
CA GLN A 89 -4.61 -13.16 7.44
C GLN A 89 -4.39 -11.67 7.21
N THR A 90 -5.17 -10.87 7.92
CA THR A 90 -5.05 -9.41 7.83
C THR A 90 -4.61 -8.85 9.18
N GLU A 91 -3.75 -7.83 9.14
CA GLU A 91 -3.30 -7.19 10.37
C GLU A 91 -4.08 -5.93 10.65
N VAL A 92 -4.94 -6.00 11.66
CA VAL A 92 -5.69 -4.82 12.10
C VAL A 92 -4.88 -4.05 13.12
N GLN A 93 -4.50 -2.83 12.75
CA GLN A 93 -3.75 -1.96 13.65
C GLN A 93 -4.63 -0.82 14.11
N VAL A 94 -4.66 -0.60 15.43
CA VAL A 94 -5.53 0.43 15.99
C VAL A 94 -4.74 1.68 16.36
N ALA A 95 -5.10 2.79 15.73
CA ALA A 95 -4.43 4.06 15.99
C ALA A 95 -4.89 4.64 17.32
N TYR A 96 -3.92 4.88 18.21
CA TYR A 96 -4.20 5.43 19.52
C TYR A 96 -2.99 6.21 20.03
N MET A 97 -3.18 6.91 21.15
CA MET A 97 -2.08 7.58 21.82
C MET A 97 -2.39 7.75 23.31
N GLY A 98 -1.54 7.17 24.15
CA GLY A 98 -1.71 7.31 25.58
C GLY A 98 -1.11 8.61 26.07
N SER A 99 -0.86 8.69 27.38
CA SER A 99 -0.26 9.88 27.96
C SER A 99 1.21 9.65 28.27
N PHE A 100 1.95 10.74 28.48
CA PHE A 100 3.36 10.65 28.83
C PHE A 100 3.53 10.08 30.24
N GLU A 101 4.30 8.99 30.33
CA GLU A 101 4.43 8.22 31.56
C GLU A 101 5.38 8.86 32.56
N GLU A 102 6.60 9.13 32.10
CA GLU A 102 7.65 9.66 32.97
C GLU A 102 7.36 11.07 33.48
N GLY A 103 7.96 11.41 34.61
CA GLY A 103 7.83 12.73 35.19
C GLY A 103 9.05 13.59 34.90
N GLU A 104 9.27 14.60 35.73
CA GLU A 104 10.43 15.49 35.57
C GLU A 104 11.73 14.72 35.77
N LYS A 105 12.71 15.00 34.91
CA LYS A 105 13.99 14.31 34.97
C LYS A 105 15.17 15.29 34.97
N ARG A 106 16.33 14.81 35.41
CA ARG A 106 17.53 15.63 35.44
C ARG A 106 18.68 14.95 34.71
N GLN A 107 19.44 15.73 33.95
CA GLN A 107 20.58 15.21 33.20
C GLN A 107 21.71 16.22 33.15
N SER A 108 22.95 15.75 33.10
CA SER A 108 24.12 16.62 33.09
C SER A 108 25.06 16.28 31.95
N VAL A 109 25.71 17.31 31.40
CA VAL A 109 26.69 17.13 30.34
C VAL A 109 27.89 18.04 30.55
N ASN A 110 29.08 17.57 30.17
CA ASN A 110 30.28 18.38 30.27
C ASN A 110 30.37 19.40 29.14
N HIS A 111 31.05 20.51 29.41
CA HIS A 111 31.20 21.59 28.44
C HIS A 111 31.94 21.11 27.20
N GLY A 112 31.28 21.24 26.05
CA GLY A 112 31.87 20.82 24.79
C GLY A 112 31.33 19.47 24.33
N GLU A 113 31.17 18.55 25.28
CA GLU A 113 30.62 17.23 24.98
C GLU A 113 29.15 17.34 24.61
N ALA A 114 28.61 16.27 24.04
CA ALA A 114 27.23 16.28 23.54
C ALA A 114 26.21 15.92 24.61
N ALA A 115 25.09 16.65 24.61
CA ALA A 115 23.99 16.34 25.52
C ALA A 115 22.93 15.52 24.79
N VAL A 116 22.64 14.34 25.32
CA VAL A 116 21.67 13.44 24.72
C VAL A 116 20.42 13.32 25.59
N ILE A 117 19.32 13.89 25.12
CA ILE A 117 18.06 13.86 25.85
C ILE A 117 17.03 13.02 25.09
N ARG A 118 16.77 11.83 25.59
CA ARG A 118 15.77 10.94 24.99
C ARG A 118 14.36 11.49 25.21
N ALA A 119 13.51 11.33 24.22
CA ALA A 119 12.11 11.73 24.35
C ALA A 119 11.42 10.82 25.35
N PRO A 120 10.64 11.41 26.28
CA PRO A 120 9.92 10.66 27.32
C PRO A 120 9.06 9.55 26.74
N ARG A 121 9.03 8.40 27.40
CA ARG A 121 8.29 7.25 26.90
C ARG A 121 6.78 7.46 26.91
N ILE A 122 6.17 7.30 25.75
CA ILE A 122 4.71 7.39 25.64
C ILE A 122 4.17 6.31 24.70
N SER A 123 3.11 5.64 25.12
CA SER A 123 2.50 4.58 24.33
C SER A 123 1.63 5.15 23.21
N SER A 124 1.93 4.77 21.97
CA SER A 124 1.22 5.29 20.82
C SER A 124 1.44 4.46 19.56
N PHE A 125 0.40 4.31 18.76
CA PHE A 125 0.56 3.83 17.40
C PHE A 125 -0.19 4.72 16.42
N PRO A 126 0.50 5.16 15.35
CA PRO A 126 1.93 4.92 15.15
C PRO A 126 2.77 5.83 16.04
N ARG A 127 4.09 5.68 15.99
CA ARG A 127 5.00 6.55 16.74
C ARG A 127 4.72 8.01 16.36
N PRO A 128 4.53 8.87 17.37
CA PRO A 128 4.11 10.25 17.06
C PRO A 128 5.27 11.14 16.60
N GLN A 129 4.94 12.15 15.80
CA GLN A 129 5.91 13.15 15.39
C GLN A 129 6.19 14.08 16.56
N VAL A 130 7.48 14.35 16.80
CA VAL A 130 7.90 15.07 18.00
C VAL A 130 8.51 16.44 17.70
N THR A 131 8.01 17.46 18.39
CA THR A 131 8.59 18.79 18.33
C THR A 131 9.16 19.17 19.70
N TRP A 132 10.44 19.53 19.73
CA TRP A 132 11.12 19.87 20.98
C TRP A 132 11.01 21.35 21.32
N PHE A 133 10.79 21.63 22.61
CA PHE A 133 10.64 23.00 23.10
C PHE A 133 11.55 23.30 24.29
N ARG A 134 12.11 24.52 24.31
CA ARG A 134 12.73 25.03 25.53
C ARG A 134 12.09 26.36 25.90
N ASP A 135 11.41 26.38 27.04
CA ASP A 135 10.73 27.57 27.54
C ASP A 135 9.77 28.18 26.51
N GLY A 136 8.95 27.33 25.89
CA GLY A 136 7.92 27.79 24.97
C GLY A 136 8.42 28.10 23.57
N ARG A 137 9.69 27.85 23.31
CA ARG A 137 10.27 28.12 21.99
C ARG A 137 10.66 26.84 21.26
N LYS A 138 10.25 26.76 19.99
CA LYS A 138 10.58 25.60 19.15
C LYS A 138 12.08 25.48 18.94
N ILE A 139 12.56 24.24 18.96
CA ILE A 139 13.97 23.97 18.69
C ILE A 139 14.11 23.18 17.39
N PRO A 140 14.32 23.90 16.28
CA PRO A 140 14.49 23.27 14.97
C PRO A 140 15.85 22.60 14.83
N PRO A 141 15.97 21.61 13.93
CA PRO A 141 17.28 21.02 13.64
C PRO A 141 18.24 22.09 13.10
N SER A 142 19.49 22.04 13.53
CA SER A 142 20.47 23.04 13.12
C SER A 142 21.85 22.42 12.96
N SER A 143 22.87 23.27 12.86
CA SER A 143 24.24 22.79 12.76
C SER A 143 24.70 22.10 14.03
N ARG A 144 24.13 22.50 15.16
CA ARG A 144 24.56 21.97 16.47
C ARG A 144 23.44 21.23 17.19
N ILE A 145 22.24 21.26 16.62
CA ILE A 145 21.10 20.58 17.23
C ILE A 145 20.51 19.54 16.29
N ALA A 146 20.52 18.29 16.73
CA ALA A 146 19.97 17.20 15.91
C ALA A 146 18.77 16.55 16.58
N ILE A 147 17.81 16.12 15.78
CA ILE A 147 16.68 15.35 16.29
C ILE A 147 16.59 14.02 15.54
N THR A 148 16.80 12.93 16.25
CA THR A 148 16.94 11.62 15.63
C THR A 148 15.61 10.99 15.27
N LEU A 149 15.68 9.85 14.57
CA LEU A 149 14.51 9.09 14.17
C LEU A 149 13.79 8.53 15.39
N GLU A 150 14.52 8.40 16.50
CA GLU A 150 13.94 7.97 17.77
C GLU A 150 13.45 9.19 18.56
N ASN A 151 13.38 10.33 17.88
CA ASN A 151 12.91 11.58 18.45
C ASN A 151 13.77 12.03 19.64
N THR A 152 15.04 11.63 19.62
CA THR A 152 15.99 12.04 20.65
C THR A 152 16.63 13.39 20.31
N LEU A 153 16.69 14.28 21.30
CA LEU A 153 17.30 15.58 21.12
C LEU A 153 18.80 15.51 21.43
N VAL A 154 19.62 15.96 20.49
CA VAL A 154 21.07 15.90 20.66
C VAL A 154 21.71 17.27 20.45
N ILE A 155 22.23 17.84 21.54
CA ILE A 155 22.98 19.09 21.46
C ILE A 155 24.47 18.76 21.26
N LEU A 156 25.01 19.19 20.12
CA LEU A 156 26.34 18.76 19.71
C LEU A 156 27.47 19.42 20.50
N SER A 157 27.46 20.75 20.56
CA SER A 157 28.50 21.47 21.27
C SER A 157 27.89 22.28 22.40
N THR A 158 27.79 21.66 23.58
CA THR A 158 27.13 22.30 24.71
C THR A 158 27.95 23.47 25.25
N VAL A 159 27.24 24.56 25.52
CA VAL A 159 27.85 25.76 26.07
C VAL A 159 27.06 26.20 27.30
N ALA A 160 27.51 27.27 27.94
CA ALA A 160 26.87 27.78 29.15
C ALA A 160 25.35 28.04 29.02
N PRO A 161 24.89 28.71 27.95
CA PRO A 161 23.45 28.98 27.93
C PRO A 161 22.58 27.79 27.52
N ASP A 162 23.18 26.64 27.25
CA ASP A 162 22.42 25.46 26.85
C ASP A 162 21.65 24.84 28.02
N ALA A 163 22.10 25.11 29.24
CA ALA A 163 21.43 24.57 30.42
C ALA A 163 20.01 25.09 30.55
N GLY A 164 19.10 24.22 30.98
CA GLY A 164 17.70 24.60 31.14
C GLY A 164 16.73 23.45 30.98
N ARG A 165 15.43 23.77 30.93
CA ARG A 165 14.39 22.75 30.86
C ARG A 165 13.89 22.51 29.43
N TYR A 166 13.93 21.26 29.00
CA TYR A 166 13.47 20.89 27.67
C TYR A 166 12.26 19.96 27.74
N TYR A 167 11.25 20.19 26.91
CA TYR A 167 10.08 19.31 26.92
C TYR A 167 9.61 18.98 25.51
N VAL A 168 8.76 17.97 25.39
CA VAL A 168 8.32 17.48 24.09
C VAL A 168 6.83 17.69 23.83
N GLN A 169 6.50 18.11 22.61
CA GLN A 169 5.13 18.07 22.14
C GLN A 169 5.00 16.98 21.06
N ALA A 170 4.24 15.95 21.37
CA ALA A 170 4.11 14.80 20.47
C ALA A 170 2.72 14.73 19.86
N VAL A 171 2.67 14.54 18.54
CA VAL A 171 1.42 14.47 17.81
C VAL A 171 1.27 13.16 17.03
N ASN A 172 0.13 12.49 17.21
CA ASN A 172 -0.18 11.28 16.45
C ASN A 172 -0.82 11.62 15.11
N ASP A 173 -0.20 11.18 14.03
CA ASP A 173 -0.61 11.56 12.68
C ASP A 173 -1.85 10.84 12.17
N LYS A 174 -2.36 9.88 12.93
CA LYS A 174 -3.53 9.11 12.50
C LYS A 174 -4.83 9.58 13.15
N ASN A 175 -4.80 9.89 14.44
CA ASN A 175 -6.00 10.36 15.13
C ASN A 175 -5.91 11.83 15.53
N GLY A 176 -4.76 12.44 15.28
CA GLY A 176 -4.58 13.86 15.55
C GLY A 176 -4.37 14.19 17.02
N ASP A 177 -4.09 13.19 17.84
CA ASP A 177 -3.84 13.41 19.25
C ASP A 177 -2.57 14.25 19.44
N ASN A 178 -2.64 15.19 20.37
CA ASN A 178 -1.53 16.10 20.63
C ASN A 178 -1.32 16.26 22.14
N LYS A 179 -0.18 15.78 22.63
CA LYS A 179 0.11 15.79 24.07
C LYS A 179 1.50 16.33 24.39
N THR A 180 1.65 16.91 25.58
CA THR A 180 2.92 17.51 26.00
C THR A 180 3.53 16.80 27.21
N SER A 181 4.83 16.53 27.14
CA SER A 181 5.54 15.78 28.19
C SER A 181 6.04 16.67 29.33
N GLN A 182 6.62 16.03 30.35
CA GLN A 182 7.22 16.72 31.48
C GLN A 182 8.64 17.21 31.19
N PRO A 183 9.03 18.35 31.80
CA PRO A 183 10.34 18.96 31.56
C PRO A 183 11.53 18.13 32.02
N ILE A 184 12.61 18.18 31.23
CA ILE A 184 13.88 17.57 31.58
C ILE A 184 14.96 18.64 31.72
N THR A 185 15.51 18.78 32.92
CA THR A 185 16.50 19.81 33.19
C THR A 185 17.91 19.34 32.86
N LEU A 186 18.55 20.02 31.91
CA LEU A 186 19.92 19.73 31.53
C LEU A 186 20.89 20.75 32.12
N ALA A 187 21.95 20.26 32.73
CA ALA A 187 22.98 21.11 33.31
C ALA A 187 24.29 21.00 32.53
N VAL A 188 25.02 22.09 32.45
CA VAL A 188 26.32 22.09 31.77
C VAL A 188 27.44 22.33 32.77
N GLU A 189 28.34 21.34 32.90
CA GLU A 189 29.37 21.38 33.91
C GLU A 189 30.72 21.84 33.36
N ASN A 190 31.53 22.44 34.24
CA ASN A 190 32.88 22.91 33.90
C ASN A 190 32.90 23.88 32.72
N VAL A 191 32.19 24.99 32.86
CA VAL A 191 32.12 25.99 31.80
C VAL A 191 33.38 26.84 31.75
N PRO A 194 36.83 27.88 29.44
CA PRO A 194 37.34 28.24 28.11
C PRO A 194 36.85 27.29 27.02
N ALA A 195 37.72 26.96 26.08
CA ALA A 195 37.38 26.05 24.99
C ALA A 195 38.63 25.41 24.40
N ASP A 196 38.66 24.08 24.39
CA ASP A 196 39.77 23.32 23.83
C ASP A 196 39.26 22.30 22.82
N PRO A 197 40.11 21.88 21.87
CA PRO A 197 39.69 20.93 20.83
C PRO A 197 39.18 19.60 21.41
N ILE A 198 38.04 19.14 20.91
CA ILE A 198 37.48 17.86 21.33
C ILE A 198 37.45 16.89 20.16
N ALA A 199 37.93 15.67 20.40
CA ALA A 199 38.00 14.65 19.36
C ALA A 199 36.61 14.32 18.81
N PRO A 200 36.54 13.92 17.53
CA PRO A 200 35.25 13.56 16.92
C PRO A 200 34.77 12.20 17.38
N THR A 201 33.55 12.16 17.90
CA THR A 201 32.95 10.92 18.38
C THR A 201 31.58 10.72 17.76
N ILE A 202 31.14 9.47 17.70
CA ILE A 202 29.84 9.14 17.15
C ILE A 202 28.82 8.92 18.25
N ILE A 203 27.87 9.85 18.34
CA ILE A 203 26.85 9.86 19.37
C ILE A 203 25.73 8.87 19.08
N ILE A 204 25.10 9.06 17.93
CA ILE A 204 24.00 8.21 17.49
C ILE A 204 24.45 7.39 16.29
N PRO A 205 24.91 6.17 16.53
CA PRO A 205 25.40 5.32 15.44
C PRO A 205 24.27 4.74 14.62
N PRO A 206 24.53 4.37 13.36
CA PRO A 206 23.55 3.68 12.53
C PRO A 206 23.08 2.38 13.17
N LYS A 207 21.78 2.13 13.16
CA LYS A 207 21.23 0.90 13.70
C LYS A 207 20.79 -0.02 12.56
N ASN A 208 20.75 -1.33 12.81
CA ASN A 208 20.25 -2.28 11.83
C ASN A 208 18.85 -1.90 11.35
N THR A 209 18.69 -1.75 10.04
CA THR A 209 17.42 -1.30 9.48
C THR A 209 16.91 -2.25 8.40
N SER A 210 15.68 -2.72 8.57
CA SER A 210 15.03 -3.56 7.57
C SER A 210 13.85 -2.83 6.93
N VAL A 211 13.71 -2.98 5.62
CA VAL A 211 12.63 -2.33 4.90
C VAL A 211 12.20 -3.17 3.70
N VAL A 212 10.94 -3.07 3.30
CA VAL A 212 10.41 -3.85 2.19
C VAL A 212 10.62 -3.09 0.88
N ALA A 213 10.98 -3.82 -0.17
CA ALA A 213 11.22 -3.23 -1.48
C ALA A 213 9.97 -2.55 -2.01
N GLY A 214 10.14 -1.36 -2.58
CA GLY A 214 9.03 -0.62 -3.15
C GLY A 214 8.45 0.44 -2.23
N THR A 215 9.07 0.62 -1.06
CA THR A 215 8.64 1.65 -0.14
C THR A 215 9.13 3.00 -0.65
N SER A 216 8.47 4.08 -0.21
CA SER A 216 8.80 5.42 -0.69
C SER A 216 10.19 5.88 -0.26
N GLU A 217 10.63 5.45 0.92
CA GLU A 217 11.91 5.89 1.46
C GLU A 217 12.41 5.02 2.61
N VAL A 218 13.74 4.97 2.76
CA VAL A 218 14.34 4.35 3.94
C VAL A 218 15.55 5.17 4.36
N THR A 219 15.73 5.40 5.66
CA THR A 219 16.76 6.32 6.12
C THR A 219 17.70 5.75 7.18
N MET A 220 19.00 5.88 6.92
CA MET A 220 20.03 5.61 7.91
C MET A 220 20.42 6.92 8.58
N GLU A 221 20.90 6.85 9.82
CA GLU A 221 21.20 8.08 10.56
C GLU A 221 22.47 7.99 11.39
N CYS A 222 23.24 9.08 11.41
CA CYS A 222 24.47 9.14 12.18
C CYS A 222 24.73 10.56 12.68
N VAL A 223 24.70 10.74 14.00
CA VAL A 223 24.98 12.04 14.60
C VAL A 223 26.37 12.04 15.24
N ALA A 224 27.23 12.95 14.78
CA ALA A 224 28.60 13.04 15.27
C ALA A 224 28.85 14.35 16.01
N ASN A 225 29.84 14.34 16.90
CA ASN A 225 30.21 15.52 17.67
C ASN A 225 31.71 15.81 17.65
N ALA A 226 32.06 17.08 17.59
CA ALA A 226 33.46 17.50 17.59
C ALA A 226 33.58 18.98 17.97
N ARG A 227 34.75 19.36 18.49
CA ARG A 227 35.05 20.77 18.74
C ARG A 227 36.40 21.14 18.13
N PRO A 228 36.42 22.11 17.21
CA PRO A 228 35.26 22.90 16.75
C PRO A 228 34.34 22.10 15.83
N LEU A 229 33.04 22.34 15.96
CA LEU A 229 32.02 21.60 15.22
C LEU A 229 32.09 21.90 13.72
N ILE A 230 32.62 23.07 13.40
CA ILE A 230 32.69 23.52 12.01
C ILE A 230 33.67 22.66 11.21
N LYS A 231 34.64 22.07 11.90
CA LYS A 231 35.63 21.23 11.23
C LYS A 231 35.10 19.81 11.06
N LEU A 232 34.01 19.50 11.74
CA LEU A 232 33.45 18.14 11.70
C LEU A 232 32.85 17.83 10.34
N HIS A 233 33.21 16.67 9.80
CA HIS A 233 32.70 16.22 8.53
C HIS A 233 32.30 14.75 8.62
N ILE A 234 31.13 14.43 8.08
CA ILE A 234 30.63 13.06 8.10
C ILE A 234 30.63 12.45 6.71
N VAL A 235 31.29 11.31 6.57
CA VAL A 235 31.29 10.58 5.30
C VAL A 235 30.49 9.29 5.42
N TRP A 236 29.61 9.07 4.44
CA TRP A 236 28.80 7.86 4.39
C TRP A 236 29.40 6.86 3.41
N LYS A 237 29.46 5.60 3.82
CA LYS A 237 30.02 4.57 2.95
C LYS A 237 29.08 3.38 2.83
N LYS A 238 29.07 2.75 1.66
CA LYS A 238 28.36 1.49 1.47
C LYS A 238 29.37 0.43 1.04
N ASP A 239 29.59 -0.54 1.92
CA ASP A 239 30.59 -1.60 1.69
C ASP A 239 31.97 -1.02 1.41
N GLY A 240 32.30 0.05 2.13
CA GLY A 240 33.61 0.68 2.02
C GLY A 240 33.71 1.76 0.95
N ALA A 241 32.65 1.94 0.18
CA ALA A 241 32.63 2.93 -0.89
C ALA A 241 31.83 4.17 -0.51
N PRO A 242 32.41 5.36 -0.72
CA PRO A 242 31.76 6.61 -0.29
C PRO A 242 30.48 6.94 -1.05
N LEU A 243 29.46 7.39 -0.34
CA LEU A 243 28.18 7.73 -0.96
C LEU A 243 28.04 9.26 -1.04
N SER A 244 27.58 9.77 -2.18
CA SER A 244 27.45 11.21 -2.35
C SER A 244 26.01 11.68 -2.56
N SER A 245 25.07 10.74 -2.62
CA SER A 245 23.68 11.08 -2.89
C SER A 245 22.74 10.55 -1.81
N GLY A 246 21.67 11.31 -1.55
CA GLY A 246 20.69 10.92 -0.55
C GLY A 246 21.08 11.41 0.83
N ILE A 247 22.15 12.20 0.90
CA ILE A 247 22.64 12.72 2.17
C ILE A 247 22.01 14.07 2.49
N SER A 248 21.56 14.24 3.73
CA SER A 248 20.89 15.48 4.14
C SER A 248 21.04 15.74 5.64
N ASP A 249 20.48 16.86 6.08
CA ASP A 249 20.49 17.25 7.49
C ASP A 249 21.90 17.27 8.07
N TYR A 250 22.75 18.10 7.48
CA TYR A 250 24.14 18.26 7.92
C TYR A 250 24.88 16.93 7.93
N ASN A 251 24.70 16.15 6.87
CA ASN A 251 25.37 14.86 6.67
C ASN A 251 25.07 13.84 7.77
N ARG A 252 23.94 14.00 8.45
CA ARG A 252 23.55 13.08 9.50
C ARG A 252 22.50 12.08 9.03
N ARG A 253 21.87 12.39 7.90
CA ARG A 253 20.84 11.53 7.34
C ARG A 253 21.22 10.99 5.97
N LEU A 254 21.11 9.69 5.79
CA LEU A 254 21.30 9.07 4.47
C LEU A 254 19.99 8.43 4.01
N THR A 255 19.33 9.06 3.05
CA THR A 255 18.02 8.60 2.61
C THR A 255 18.06 7.95 1.24
N ILE A 256 17.53 6.74 1.15
CA ILE A 256 17.37 6.03 -0.10
C ILE A 256 15.91 5.96 -0.53
N ALA A 257 15.59 6.60 -1.65
CA ALA A 257 14.26 6.56 -2.21
C ALA A 257 14.10 5.31 -3.07
N ASN A 258 12.98 4.62 -2.91
CA ASN A 258 12.70 3.37 -3.63
C ASN A 258 13.81 2.35 -3.49
N PRO A 259 14.04 1.83 -2.27
CA PRO A 259 15.13 0.89 -2.00
C PRO A 259 14.95 -0.45 -2.71
N THR A 260 16.05 -1.03 -3.19
CA THR A 260 16.01 -2.31 -3.87
C THR A 260 16.98 -3.26 -3.18
N VAL A 261 16.85 -4.56 -3.43
CA VAL A 261 17.72 -5.57 -2.82
C VAL A 261 19.20 -5.28 -3.08
N SER A 262 19.48 -4.55 -4.15
CA SER A 262 20.84 -4.14 -4.47
C SER A 262 21.33 -3.06 -3.51
N ASP A 263 20.38 -2.37 -2.86
CA ASP A 263 20.73 -1.30 -1.93
C ASP A 263 21.01 -1.86 -0.55
N ALA A 264 20.85 -3.18 -0.40
CA ALA A 264 21.11 -3.83 0.88
C ALA A 264 22.61 -3.97 1.09
N GLY A 265 23.04 -3.96 2.36
CA GLY A 265 24.45 -4.08 2.66
C GLY A 265 24.88 -3.29 3.88
N TYR A 266 26.19 -3.22 4.10
CA TYR A 266 26.74 -2.59 5.29
C TYR A 266 27.03 -1.11 5.05
N TYR A 267 26.30 -0.25 5.76
CA TYR A 267 26.47 1.19 5.64
C TYR A 267 27.23 1.75 6.85
N GLU A 268 28.30 2.49 6.59
CA GLU A 268 29.15 3.01 7.64
C GLU A 268 29.10 4.53 7.72
N CYS A 269 29.12 5.04 8.95
CA CYS A 269 29.26 6.46 9.21
C CYS A 269 30.65 6.76 9.75
N GLU A 270 31.37 7.64 9.05
CA GLU A 270 32.72 8.02 9.45
C GLU A 270 32.82 9.51 9.80
N ALA A 271 33.14 9.80 11.06
CA ALA A 271 33.26 11.18 11.51
C ALA A 271 34.72 11.60 11.58
N MET A 272 35.03 12.72 10.94
CA MET A 272 36.40 13.22 10.86
C MET A 272 36.49 14.71 11.12
N LEU A 273 37.70 15.20 11.38
CA LEU A 273 37.93 16.64 11.49
C LEU A 273 38.70 17.14 10.28
N ARG A 274 38.14 18.12 9.58
CA ARG A 274 38.79 18.68 8.41
C ARG A 274 39.92 19.62 8.84
N SER A 275 40.95 19.70 8.01
CA SER A 275 42.12 20.53 8.29
C SER A 275 42.79 20.13 9.60
N SER A 276 42.82 18.84 9.88
CA SER A 276 43.49 18.34 11.08
C SER A 276 43.99 16.91 10.89
N SER A 277 44.84 16.47 11.82
CA SER A 277 45.47 15.15 11.71
C SER A 277 44.72 14.09 12.50
N VAL A 278 43.61 14.47 13.11
CA VAL A 278 42.85 13.54 13.96
C VAL A 278 42.27 12.37 13.17
N ALA A 279 42.52 11.15 13.65
CA ALA A 279 42.01 9.95 13.01
C ALA A 279 40.50 9.89 13.11
N PRO A 280 39.84 9.41 12.05
CA PRO A 280 38.37 9.30 11.99
C PRO A 280 37.80 8.22 12.90
N VAL A 281 36.52 8.34 13.23
CA VAL A 281 35.82 7.31 13.98
C VAL A 281 34.71 6.72 13.11
N THR A 282 34.66 5.40 13.00
CA THR A 282 33.72 4.76 12.09
C THR A 282 32.80 3.76 12.80
N ARG A 283 31.50 3.93 12.60
CA ARG A 283 30.50 3.01 13.14
C ARG A 283 29.45 2.70 12.09
N GLY A 284 29.12 1.42 11.91
CA GLY A 284 28.23 1.02 10.83
C GLY A 284 27.10 0.07 11.23
N ALA A 285 26.17 -0.13 10.30
CA ALA A 285 25.03 -1.03 10.52
C ALA A 285 24.55 -1.62 9.21
N TYR A 286 23.72 -2.65 9.29
CA TYR A 286 23.23 -3.34 8.10
C TYR A 286 21.85 -2.87 7.64
N LEU A 287 21.74 -2.64 6.33
CA LEU A 287 20.46 -2.38 5.69
C LEU A 287 19.98 -3.62 4.95
N SER A 288 18.81 -4.10 5.33
CA SER A 288 18.20 -5.26 4.68
C SER A 288 16.95 -4.87 3.88
N VAL A 289 17.02 -5.05 2.57
CA VAL A 289 15.87 -4.83 1.71
C VAL A 289 15.20 -6.16 1.39
N LEU A 290 13.90 -6.24 1.67
CA LEU A 290 13.18 -7.50 1.62
C LEU A 290 12.15 -7.52 0.49
N GLU A 291 11.91 -8.72 -0.06
CA GLU A 291 10.87 -8.91 -1.07
C GLU A 291 9.92 -10.02 -0.63
N PRO A 292 8.61 -9.74 -0.62
CA PRO A 292 7.58 -10.70 -0.23
C PRO A 292 7.55 -11.91 -1.14
N PRO A 293 6.99 -13.04 -0.68
CA PRO A 293 7.00 -14.26 -1.49
C PRO A 293 6.14 -14.14 -2.74
N GLN A 294 6.66 -14.62 -3.87
CA GLN A 294 5.88 -14.74 -5.09
C GLN A 294 6.10 -16.14 -5.66
N PHE A 295 5.00 -16.77 -6.06
CA PHE A 295 5.07 -18.17 -6.49
C PHE A 295 5.75 -18.36 -7.84
N VAL A 296 6.59 -19.39 -7.91
CA VAL A 296 7.23 -19.79 -9.16
C VAL A 296 6.47 -20.96 -9.75
N ARG A 297 6.19 -21.97 -8.91
CA ARG A 297 5.40 -23.11 -9.32
C ARG A 297 4.22 -23.35 -8.38
N GLU A 298 3.04 -23.53 -8.96
CA GLU A 298 1.83 -23.76 -8.17
C GLU A 298 1.14 -25.06 -8.60
N PRO A 299 0.36 -25.67 -7.70
CA PRO A 299 -0.44 -26.84 -8.09
C PRO A 299 -1.61 -26.41 -8.97
N GLU A 300 -2.15 -27.34 -9.76
CA GLU A 300 -3.33 -27.04 -10.57
C GLU A 300 -4.54 -26.85 -9.67
N ARG A 301 -5.53 -26.10 -10.15
CA ARG A 301 -6.73 -25.81 -9.39
C ARG A 301 -7.44 -27.08 -8.93
N HIS A 302 -7.50 -28.07 -9.81
CA HIS A 302 -8.11 -29.36 -9.48
CA HIS A 302 -8.11 -29.36 -9.48
C HIS A 302 -7.16 -30.50 -9.79
N ILE A 303 -6.88 -31.32 -8.78
CA ILE A 303 -5.98 -32.45 -8.95
C ILE A 303 -6.69 -33.78 -8.70
N THR A 304 -6.68 -34.64 -9.71
CA THR A 304 -7.31 -35.96 -9.61
C THR A 304 -6.23 -37.04 -9.61
N ALA A 305 -6.39 -38.05 -8.79
CA ALA A 305 -5.39 -39.10 -8.66
C ALA A 305 -6.01 -40.43 -8.24
N GLU A 306 -5.37 -41.53 -8.64
CA GLU A 306 -5.89 -42.86 -8.37
C GLU A 306 -5.55 -43.32 -6.95
N MET A 307 -6.38 -44.22 -6.39
CA MET A 307 -6.18 -44.72 -5.04
C MET A 307 -4.91 -45.58 -4.96
N GLU A 308 -4.25 -45.55 -3.80
CA GLU A 308 -3.06 -46.37 -3.50
C GLU A 308 -1.81 -46.00 -4.30
N LYS A 309 -1.92 -44.96 -5.12
CA LYS A 309 -0.78 -44.50 -5.89
C LYS A 309 -0.13 -43.32 -5.17
N VAL A 310 0.94 -42.79 -5.75
CA VAL A 310 1.67 -41.69 -5.13
C VAL A 310 1.51 -40.43 -5.97
N VAL A 311 1.31 -39.30 -5.29
CA VAL A 311 1.12 -38.04 -5.99
C VAL A 311 2.12 -36.97 -5.54
N ASP A 312 2.67 -36.25 -6.51
CA ASP A 312 3.53 -35.11 -6.27
C ASP A 312 2.79 -33.83 -6.57
N ILE A 313 2.62 -32.99 -5.55
CA ILE A 313 1.95 -31.71 -5.68
C ILE A 313 2.96 -30.59 -5.48
N PRO A 314 3.21 -29.82 -6.55
CA PRO A 314 4.30 -28.84 -6.56
C PRO A 314 3.95 -27.54 -5.84
N CYS A 315 4.97 -26.91 -5.26
CA CYS A 315 4.83 -25.60 -4.64
C CYS A 315 6.20 -24.99 -4.39
N ARG A 316 6.59 -24.05 -5.25
CA ARG A 316 7.83 -23.32 -5.09
C ARG A 316 7.56 -21.82 -5.08
N ALA A 317 8.31 -21.08 -4.28
CA ALA A 317 8.14 -19.64 -4.20
C ALA A 317 9.49 -18.95 -4.00
N LYS A 318 9.58 -17.69 -4.41
CA LYS A 318 10.81 -16.93 -4.22
C LYS A 318 10.56 -15.66 -3.41
N GLY A 319 11.56 -15.26 -2.63
CA GLY A 319 11.49 -14.04 -1.85
C GLY A 319 12.80 -13.75 -1.15
N VAL A 320 12.93 -12.54 -0.59
CA VAL A 320 14.09 -12.15 0.20
C VAL A 320 13.65 -11.72 1.60
N PRO A 321 14.01 -12.50 2.63
CA PRO A 321 14.76 -13.75 2.62
C PRO A 321 13.94 -14.90 2.01
N PRO A 322 14.60 -16.03 1.68
CA PRO A 322 13.87 -17.15 1.07
C PRO A 322 12.70 -17.62 1.94
N PRO A 323 11.50 -17.67 1.35
CA PRO A 323 10.26 -17.96 2.09
C PRO A 323 10.15 -19.41 2.52
N SER A 324 9.72 -19.62 3.76
CA SER A 324 9.44 -20.97 4.24
C SER A 324 8.09 -21.40 3.69
N ILE A 325 7.93 -22.70 3.44
CA ILE A 325 6.72 -23.19 2.79
C ILE A 325 5.99 -24.18 3.69
N THR A 326 4.71 -23.92 3.92
CA THR A 326 3.93 -24.71 4.86
C THR A 326 2.63 -25.21 4.21
N TRP A 327 2.28 -26.47 4.48
CA TRP A 327 1.09 -27.08 3.92
C TRP A 327 -0.04 -27.24 4.93
N TYR A 328 -1.27 -27.10 4.44
CA TYR A 328 -2.47 -27.30 5.25
C TYR A 328 -3.44 -28.25 4.55
N LYS A 329 -4.06 -29.13 5.32
CA LYS A 329 -5.09 -30.01 4.81
C LYS A 329 -6.43 -29.68 5.45
N ASP A 330 -7.32 -29.08 4.65
CA ASP A 330 -8.62 -28.60 5.14
C ASP A 330 -8.43 -27.67 6.34
N ALA A 331 -7.68 -26.59 6.12
CA ALA A 331 -7.42 -25.55 7.12
C ALA A 331 -6.68 -26.09 8.36
N ALA A 332 -6.14 -27.30 8.26
CA ALA A 332 -5.38 -27.89 9.36
C ALA A 332 -3.96 -28.19 8.92
N LEU A 333 -2.99 -27.91 9.80
CA LEU A 333 -1.58 -28.09 9.48
C LEU A 333 -1.23 -29.55 9.16
N VAL A 334 -0.47 -29.75 8.09
CA VAL A 334 -0.04 -31.10 7.72
C VAL A 334 1.24 -31.51 8.44
N GLU A 335 1.17 -32.62 9.16
CA GLU A 335 2.32 -33.14 9.89
C GLU A 335 3.16 -34.03 8.97
N VAL A 336 4.23 -33.47 8.42
CA VAL A 336 5.10 -34.24 7.52
C VAL A 336 6.16 -35.00 8.32
N GLY A 337 6.32 -34.59 9.57
CA GLY A 337 7.24 -35.25 10.48
C GLY A 337 6.86 -36.65 10.92
N LYS A 338 5.63 -36.82 11.39
CA LYS A 338 5.16 -38.11 11.88
C LYS A 338 4.62 -39.06 10.82
N LEU A 339 3.98 -38.52 9.78
CA LEU A 339 3.30 -39.38 8.82
C LEU A 339 4.22 -39.85 7.70
N THR A 340 4.30 -41.17 7.56
CA THR A 340 5.13 -41.85 6.58
C THR A 340 4.67 -41.54 5.15
N ARG A 341 3.38 -41.25 5.00
CA ARG A 341 2.79 -41.05 3.68
C ARG A 341 3.03 -39.65 3.15
N PHE A 342 3.17 -38.68 4.06
CA PHE A 342 3.36 -37.30 3.66
C PHE A 342 4.84 -36.92 3.76
N LYS A 343 5.44 -36.55 2.64
CA LYS A 343 6.83 -36.12 2.61
C LYS A 343 6.97 -34.77 1.94
N GLN A 344 7.81 -33.89 2.48
CA GLN A 344 8.00 -32.58 1.87
C GLN A 344 9.35 -32.44 1.17
N ARG A 345 9.32 -32.19 -0.13
CA ARG A 345 10.53 -31.99 -0.92
C ARG A 345 11.17 -30.64 -0.61
N SER A 346 12.45 -30.50 -0.94
CA SER A 346 13.22 -29.29 -0.63
C SER A 346 12.67 -28.02 -1.29
N ASP A 347 12.13 -28.16 -2.49
CA ASP A 347 11.53 -27.02 -3.19
C ASP A 347 10.23 -26.58 -2.51
N GLY A 348 9.68 -27.45 -1.67
CA GLY A 348 8.47 -27.13 -0.93
C GLY A 348 7.27 -27.95 -1.35
N GLY A 349 7.45 -28.83 -2.33
CA GLY A 349 6.38 -29.67 -2.81
C GLY A 349 5.97 -30.75 -1.81
N LEU A 350 4.71 -31.15 -1.88
CA LEU A 350 4.18 -32.20 -1.00
C LEU A 350 3.96 -33.51 -1.76
N GLN A 351 4.43 -34.60 -1.19
CA GLN A 351 4.26 -35.92 -1.78
C GLN A 351 3.41 -36.82 -0.88
N ILE A 352 2.32 -37.31 -1.44
CA ILE A 352 1.45 -38.25 -0.71
C ILE A 352 1.50 -39.65 -1.32
N SER A 353 2.03 -40.60 -0.57
CA SER A 353 2.13 -41.98 -1.05
C SER A 353 1.04 -42.85 -0.44
N GLY A 354 0.64 -43.89 -1.17
CA GLY A 354 -0.42 -44.77 -0.71
C GLY A 354 -1.72 -44.03 -0.49
N LEU A 355 -2.19 -43.34 -1.52
CA LEU A 355 -3.36 -42.47 -1.41
C LEU A 355 -4.62 -43.20 -0.92
N LEU A 356 -5.20 -42.66 0.14
CA LEU A 356 -6.45 -43.16 0.69
C LEU A 356 -7.59 -42.21 0.36
N PRO A 357 -8.83 -42.71 0.37
CA PRO A 357 -10.00 -41.86 0.09
C PRO A 357 -10.17 -40.72 1.08
N ASP A 358 -9.48 -40.79 2.22
CA ASP A 358 -9.59 -39.76 3.24
C ASP A 358 -8.65 -38.59 2.98
N ASP A 359 -7.82 -38.71 1.95
CA ASP A 359 -6.94 -37.63 1.54
C ASP A 359 -7.67 -36.66 0.62
N THR A 360 -8.91 -37.01 0.27
CA THR A 360 -9.74 -36.15 -0.55
C THR A 360 -10.10 -34.87 0.19
N GLY A 361 -9.87 -33.73 -0.45
CA GLY A 361 -10.17 -32.45 0.17
C GLY A 361 -9.25 -31.33 -0.26
N MET A 362 -9.39 -30.19 0.40
CA MET A 362 -8.63 -28.99 0.04
C MET A 362 -7.22 -28.97 0.64
N LEU A 363 -6.23 -28.84 -0.23
CA LEU A 363 -4.85 -28.65 0.20
C LEU A 363 -4.41 -27.22 -0.10
N GLN A 364 -3.77 -26.60 0.90
CA GLN A 364 -3.37 -25.21 0.80
C GLN A 364 -1.87 -25.03 1.06
N CYS A 365 -1.22 -24.24 0.22
CA CYS A 365 0.20 -23.94 0.38
C CYS A 365 0.42 -22.47 0.73
N PHE A 366 1.01 -22.25 1.90
CA PHE A 366 1.36 -20.91 2.36
C PHE A 366 2.87 -20.67 2.32
N ALA A 367 3.30 -19.68 1.55
CA ALA A 367 4.71 -19.28 1.51
C ALA A 367 4.91 -18.01 2.33
N HIS A 368 5.69 -18.11 3.40
CA HIS A 368 5.83 -17.00 4.34
C HIS A 368 7.26 -16.51 4.49
N ASN A 369 7.41 -15.19 4.51
CA ASN A 369 8.67 -14.56 4.86
C ASN A 369 8.39 -13.30 5.67
N ALA A 370 9.43 -12.68 6.23
CA ALA A 370 9.25 -11.49 7.07
C ALA A 370 8.60 -10.34 6.32
N ALA A 371 8.64 -10.39 4.99
CA ALA A 371 8.06 -9.33 4.16
C ALA A 371 6.60 -9.59 3.81
N GLY A 372 6.08 -10.77 4.15
CA GLY A 372 4.70 -11.07 3.87
C GLY A 372 4.37 -12.54 3.64
N GLU A 373 3.13 -12.80 3.22
CA GLU A 373 2.65 -14.17 3.02
C GLU A 373 1.94 -14.34 1.67
N ALA A 374 1.98 -15.56 1.15
CA ALA A 374 1.30 -15.91 -0.09
C ALA A 374 0.57 -17.23 0.06
N GLN A 375 -0.53 -17.41 -0.68
CA GLN A 375 -1.35 -18.61 -0.55
C GLN A 375 -1.86 -19.14 -1.89
N THR A 376 -1.74 -20.44 -2.10
CA THR A 376 -2.35 -21.08 -3.27
C THR A 376 -3.10 -22.33 -2.83
N SER A 377 -4.22 -22.64 -3.47
CA SER A 377 -5.02 -23.79 -3.04
C SER A 377 -5.31 -24.76 -4.18
N THR A 378 -5.70 -25.98 -3.81
CA THR A 378 -6.04 -27.00 -4.80
C THR A 378 -6.95 -28.07 -4.19
N TYR A 379 -7.82 -28.65 -5.00
CA TYR A 379 -8.69 -29.72 -4.52
C TYR A 379 -8.20 -31.09 -4.96
N LEU A 380 -7.82 -31.90 -3.98
CA LEU A 380 -7.36 -33.25 -4.27
C LEU A 380 -8.52 -34.23 -4.22
N ALA A 381 -8.84 -34.82 -5.38
CA ALA A 381 -9.89 -35.84 -5.45
C ALA A 381 -9.28 -37.19 -5.73
N VAL A 382 -9.48 -38.13 -4.82
CA VAL A 382 -8.95 -39.48 -4.99
C VAL A 382 -10.01 -40.44 -5.53
N THR A 383 -9.82 -40.87 -6.76
CA THR A 383 -10.78 -41.75 -7.44
C THR A 383 -10.84 -43.12 -6.77
N ASP B 7 14.56 30.78 13.58
CA ASP B 7 13.58 31.77 13.16
C ASP B 7 13.53 31.89 11.64
N ASP B 8 14.40 31.15 10.96
CA ASP B 8 14.47 31.18 9.51
C ASP B 8 14.54 29.78 8.89
N VAL B 9 13.57 28.94 9.22
CA VAL B 9 13.53 27.60 8.64
C VAL B 9 12.32 27.44 7.71
N PRO B 10 12.59 27.09 6.45
CA PRO B 10 11.54 26.83 5.46
C PRO B 10 10.68 25.63 5.88
N PRO B 11 9.41 25.61 5.48
CA PRO B 11 8.53 24.51 5.89
C PRO B 11 8.95 23.19 5.25
N TYR B 12 8.59 22.08 5.87
CA TYR B 12 8.86 20.76 5.30
C TYR B 12 7.98 19.71 5.96
N PHE B 13 7.65 18.66 5.23
CA PHE B 13 6.78 17.60 5.75
C PHE B 13 7.58 16.51 6.45
N LYS B 14 7.20 16.18 7.69
CA LYS B 14 7.83 15.10 8.42
C LYS B 14 7.35 13.76 7.90
N THR B 15 6.11 13.71 7.46
CA THR B 15 5.53 12.50 6.88
C THR B 15 4.56 12.85 5.76
N GLU B 16 4.31 11.88 4.88
CA GLU B 16 3.35 12.04 3.79
C GLU B 16 2.22 11.02 3.92
N PRO B 17 0.99 11.41 3.53
CA PRO B 17 -0.18 10.55 3.66
C PRO B 17 -0.20 9.41 2.65
N VAL B 18 -0.95 8.35 2.97
CA VAL B 18 -1.12 7.23 2.04
C VAL B 18 -1.87 7.70 0.80
N ARG B 19 -1.61 7.04 -0.34
CA ARG B 19 -2.23 7.47 -1.60
C ARG B 19 -3.72 7.19 -1.62
N THR B 20 -4.14 6.08 -1.01
CA THR B 20 -5.55 5.71 -0.99
C THR B 20 -5.94 5.06 0.34
N GLN B 21 -7.12 5.41 0.84
CA GLN B 21 -7.62 4.85 2.09
C GLN B 21 -9.12 4.59 2.01
N VAL B 22 -9.55 3.43 2.48
CA VAL B 22 -10.96 3.07 2.49
C VAL B 22 -11.52 3.09 3.91
N HIS B 23 -12.59 3.84 4.12
CA HIS B 23 -13.21 3.97 5.43
C HIS B 23 -14.72 3.75 5.36
N LEU B 24 -15.30 3.33 6.49
CA LEU B 24 -16.73 3.06 6.56
C LEU B 24 -17.57 4.30 6.87
N GLU B 25 -18.80 4.31 6.38
CA GLU B 25 -19.77 5.36 6.72
C GLU B 25 -20.04 5.40 8.21
N GLY B 26 -20.07 6.61 8.77
CA GLY B 26 -20.36 6.81 10.17
C GLY B 26 -19.13 6.79 11.05
N ASN B 27 -18.02 6.30 10.51
CA ASN B 27 -16.76 6.32 11.24
C ASN B 27 -16.12 7.69 11.16
N ARG B 28 -15.20 7.98 12.08
CA ARG B 28 -14.54 9.27 12.07
C ARG B 28 -13.21 9.21 11.34
N LEU B 29 -12.93 10.25 10.56
CA LEU B 29 -11.70 10.34 9.80
C LEU B 29 -10.87 11.54 10.25
N VAL B 30 -9.59 11.30 10.52
CA VAL B 30 -8.70 12.38 10.93
C VAL B 30 -7.53 12.51 9.98
N LEU B 31 -7.57 13.53 9.13
CA LEU B 31 -6.46 13.83 8.24
C LEU B 31 -5.52 14.81 8.94
N THR B 32 -4.23 14.57 8.83
CA THR B 32 -3.25 15.44 9.50
C THR B 32 -2.23 16.00 8.53
N CYS B 33 -1.85 17.26 8.75
CA CYS B 33 -0.82 17.89 7.95
C CYS B 33 0.44 18.02 8.78
N MET B 34 1.26 16.96 8.78
CA MET B 34 2.42 16.88 9.64
C MET B 34 3.62 17.59 9.04
N ALA B 35 3.69 18.90 9.27
CA ALA B 35 4.80 19.70 8.77
C ALA B 35 5.52 20.43 9.90
N GLU B 36 6.80 20.70 9.70
CA GLU B 36 7.58 21.47 10.66
C GLU B 36 8.19 22.69 9.99
N GLY B 37 8.50 23.71 10.79
CA GLY B 37 9.05 24.94 10.27
C GLY B 37 8.87 26.11 11.22
N SER B 38 9.35 27.28 10.81
CA SER B 38 9.28 28.47 11.65
C SER B 38 7.86 28.97 11.84
N TRP B 39 7.59 29.55 13.01
CA TRP B 39 6.29 30.13 13.32
C TRP B 39 6.10 31.44 12.56
N PRO B 40 4.84 31.77 12.20
CA PRO B 40 3.64 30.97 12.44
C PRO B 40 3.39 29.95 11.32
N LEU B 41 3.29 28.68 11.70
CA LEU B 41 3.06 27.62 10.75
C LEU B 41 1.56 27.37 10.59
N GLU B 42 1.00 27.80 9.45
CA GLU B 42 -0.44 27.71 9.25
C GLU B 42 -0.82 26.72 8.15
N PHE B 43 -2.06 26.23 8.21
CA PHE B 43 -2.49 25.14 7.35
C PHE B 43 -3.84 25.42 6.67
N LYS B 44 -3.97 24.99 5.43
CA LYS B 44 -5.23 25.12 4.70
C LYS B 44 -5.61 23.77 4.09
N TRP B 45 -6.89 23.47 4.03
CA TRP B 45 -7.32 22.17 3.50
C TRP B 45 -8.10 22.29 2.19
N LEU B 46 -7.86 21.34 1.29
CA LEU B 46 -8.49 21.29 -0.02
C LEU B 46 -9.15 19.95 -0.29
N HIS B 47 -10.37 20.00 -0.80
CA HIS B 47 -11.08 18.81 -1.25
C HIS B 47 -11.35 18.92 -2.75
N ASN B 48 -10.74 18.02 -3.52
CA ASN B 48 -10.79 18.07 -4.98
C ASN B 48 -10.35 19.43 -5.50
N ASN B 49 -9.21 19.91 -5.00
CA ASN B 49 -8.64 21.19 -5.39
C ASN B 49 -9.59 22.37 -5.17
N ARG B 50 -10.47 22.23 -4.17
CA ARG B 50 -11.36 23.31 -3.77
C ARG B 50 -11.17 23.61 -2.29
N GLU B 51 -11.14 24.88 -1.94
CA GLU B 51 -10.82 25.29 -0.56
C GLU B 51 -11.87 24.84 0.45
N LEU B 52 -11.41 24.13 1.47
CA LEU B 52 -12.28 23.69 2.57
C LEU B 52 -12.19 24.66 3.74
N THR B 53 -10.97 25.12 4.02
CA THR B 53 -10.71 25.98 5.16
C THR B 53 -9.87 27.17 4.76
N ARG B 54 -9.75 28.13 5.68
CA ARG B 54 -8.81 29.22 5.51
C ARG B 54 -7.53 28.86 6.27
N PHE B 55 -6.46 29.60 6.05
CA PHE B 55 -5.21 29.34 6.76
C PHE B 55 -5.41 29.52 8.26
N SER B 56 -4.93 28.54 9.03
CA SER B 56 -5.10 28.55 10.47
C SER B 56 -4.07 27.66 11.14
N LEU B 57 -4.03 27.67 12.46
CA LEU B 57 -3.06 26.88 13.21
C LEU B 57 -3.53 25.45 13.40
N GLU B 58 -4.68 25.12 12.85
CA GLU B 58 -5.23 23.77 12.97
C GLU B 58 -4.68 22.86 11.86
N TYR B 59 -3.76 21.99 12.24
CA TYR B 59 -3.09 21.09 11.31
C TYR B 59 -3.94 19.85 11.01
N ARG B 60 -5.08 19.74 11.69
CA ARG B 60 -5.96 18.61 11.52
C ARG B 60 -7.24 18.96 10.77
N TYR B 61 -7.70 18.03 9.95
CA TYR B 61 -9.04 18.09 9.40
C TYR B 61 -9.80 16.87 9.90
N MET B 62 -10.84 17.11 10.70
CA MET B 62 -11.54 16.02 11.36
C MET B 62 -12.99 15.92 10.91
N ILE B 63 -13.38 14.71 10.52
CA ILE B 63 -14.75 14.39 10.13
C ILE B 63 -15.36 13.41 11.13
N THR B 64 -16.31 13.87 11.93
CA THR B 64 -16.87 13.04 13.00
C THR B 64 -17.67 11.86 12.45
N SER B 65 -18.42 12.11 11.38
CA SER B 65 -19.24 11.05 10.76
C SER B 65 -19.08 11.06 9.24
N LEU B 66 -18.35 10.08 8.72
CA LEU B 66 -18.09 10.01 7.29
C LEU B 66 -19.34 9.69 6.48
N ASP B 67 -19.50 10.39 5.35
CA ASP B 67 -20.60 10.19 4.44
C ASP B 67 -20.06 9.93 3.03
N ARG B 68 -20.92 9.47 2.13
CA ARG B 68 -20.53 9.19 0.75
C ARG B 68 -20.07 10.45 0.03
N THR B 69 -20.66 11.59 0.41
CA THR B 69 -20.34 12.87 -0.21
C THR B 69 -18.95 13.38 0.20
N HIS B 70 -18.39 12.77 1.24
CA HIS B 70 -17.06 13.17 1.71
C HIS B 70 -15.95 12.50 0.90
N ALA B 71 -16.33 11.51 0.09
CA ALA B 71 -15.36 10.83 -0.76
C ALA B 71 -14.72 11.78 -1.76
N GLY B 72 -13.44 11.56 -2.06
CA GLY B 72 -12.72 12.40 -3.00
C GLY B 72 -11.28 12.62 -2.61
N PHE B 73 -10.62 13.58 -3.25
CA PHE B 73 -9.21 13.85 -3.00
C PHE B 73 -9.02 14.99 -2.00
N TYR B 74 -8.24 14.74 -0.96
CA TYR B 74 -7.94 15.75 0.04
C TYR B 74 -6.45 16.03 0.09
N ARG B 75 -6.10 17.31 0.29
CA ARG B 75 -4.69 17.67 0.43
C ARG B 75 -4.54 18.97 1.21
N CYS B 76 -3.42 19.15 1.89
CA CYS B 76 -3.24 20.37 2.68
C CYS B 76 -2.11 21.24 2.14
N ILE B 77 -2.19 22.53 2.47
CA ILE B 77 -1.15 23.50 2.17
C ILE B 77 -0.58 24.02 3.47
N VAL B 78 0.74 23.89 3.63
CA VAL B 78 1.39 24.41 4.83
C VAL B 78 2.17 25.67 4.49
N ARG B 79 2.12 26.68 5.35
CA ARG B 79 2.84 27.91 5.04
C ARG B 79 3.40 28.63 6.25
N ASN B 80 4.45 29.41 5.99
CA ASN B 80 4.98 30.37 6.95
C ASN B 80 5.68 31.51 6.22
N ARG B 81 6.41 32.33 6.95
CA ARG B 81 7.06 33.52 6.40
C ARG B 81 8.06 33.18 5.29
N MET B 82 8.47 31.92 5.23
CA MET B 82 9.40 31.47 4.21
C MET B 82 8.69 31.10 2.90
N GLY B 83 7.47 30.57 3.00
CA GLY B 83 6.75 30.13 1.82
C GLY B 83 5.70 29.07 2.10
N ALA B 84 5.27 28.38 1.06
CA ALA B 84 4.20 27.39 1.17
C ALA B 84 4.52 26.10 0.43
N LEU B 85 3.99 24.99 0.95
CA LEU B 85 4.13 23.68 0.31
C LEU B 85 2.79 22.97 0.16
N LEU B 86 2.60 22.34 -0.99
CA LEU B 86 1.46 21.50 -1.28
C LEU B 86 1.72 20.05 -0.84
N GLN B 87 0.85 19.53 0.01
CA GLN B 87 0.94 18.13 0.43
C GLN B 87 0.52 17.22 -0.72
N ARG B 88 1.10 16.02 -0.77
CA ARG B 88 0.64 15.00 -1.71
C ARG B 88 -0.80 14.63 -1.39
N GLN B 89 -1.64 14.62 -2.41
CA GLN B 89 -3.07 14.40 -2.21
C GLN B 89 -3.38 12.93 -1.90
N THR B 90 -4.36 12.73 -1.04
CA THR B 90 -4.80 11.39 -0.68
C THR B 90 -6.24 11.18 -1.14
N GLU B 91 -6.56 9.98 -1.62
CA GLU B 91 -7.91 9.69 -2.05
C GLU B 91 -8.69 8.97 -0.97
N VAL B 92 -9.63 9.67 -0.35
CA VAL B 92 -10.50 9.11 0.65
C VAL B 92 -11.72 8.49 -0.02
N GLN B 93 -11.85 7.17 0.11
CA GLN B 93 -12.99 6.44 -0.42
C GLN B 93 -13.87 5.95 0.71
N VAL B 94 -15.17 6.23 0.61
CA VAL B 94 -16.10 5.86 1.66
C VAL B 94 -16.92 4.63 1.29
N ALA B 95 -16.77 3.57 2.06
CA ALA B 95 -17.48 2.33 1.82
C ALA B 95 -18.94 2.42 2.24
N TYR B 96 -19.84 2.17 1.31
CA TYR B 96 -21.27 2.21 1.58
C TYR B 96 -22.03 1.29 0.63
N MET B 97 -23.32 1.12 0.90
CA MET B 97 -24.20 0.39 -0.02
C MET B 97 -25.64 0.84 0.15
N GLY B 98 -26.22 1.35 -0.93
CA GLY B 98 -27.60 1.79 -0.92
C GLY B 98 -28.56 0.64 -1.15
N SER B 99 -29.78 0.96 -1.55
CA SER B 99 -30.78 -0.06 -1.82
C SER B 99 -30.91 -0.26 -3.33
N PHE B 100 -31.52 -1.37 -3.74
CA PHE B 100 -31.74 -1.63 -5.16
C PHE B 100 -32.79 -0.68 -5.70
N GLU B 101 -32.43 0.08 -6.73
CA GLU B 101 -33.28 1.15 -7.24
C GLU B 101 -34.39 0.60 -8.12
N GLU B 102 -33.99 -0.17 -9.14
CA GLU B 102 -34.95 -0.68 -10.12
C GLU B 102 -35.90 -1.70 -9.50
N GLY B 103 -37.07 -1.85 -10.12
CA GLY B 103 -38.06 -2.82 -9.68
C GLY B 103 -38.05 -4.06 -10.56
N GLU B 104 -39.15 -4.79 -10.54
CA GLU B 104 -39.29 -6.00 -11.36
C GLU B 104 -39.29 -5.65 -12.84
N LYS B 105 -38.57 -6.46 -13.63
CA LYS B 105 -38.46 -6.23 -15.06
C LYS B 105 -38.76 -7.52 -15.84
N ARG B 106 -39.10 -7.36 -17.12
CA ARG B 106 -39.39 -8.51 -17.95
C ARG B 106 -38.59 -8.46 -19.26
N GLN B 107 -38.05 -9.62 -19.65
CA GLN B 107 -37.32 -9.72 -20.91
C GLN B 107 -37.55 -11.09 -21.53
N SER B 108 -37.50 -11.16 -22.86
CA SER B 108 -37.78 -12.41 -23.56
C SER B 108 -36.68 -12.77 -24.55
N VAL B 109 -36.43 -14.07 -24.70
CA VAL B 109 -35.45 -14.58 -25.65
C VAL B 109 -35.98 -15.83 -26.34
N ASN B 110 -35.61 -16.01 -27.61
CA ASN B 110 -36.03 -17.17 -28.36
C ASN B 110 -35.21 -18.41 -28.01
N GLU B 113 -31.22 -19.57 -28.23
CA GLU B 113 -30.40 -18.36 -28.17
C GLU B 113 -30.03 -18.01 -26.73
N ALA B 114 -29.07 -17.11 -26.57
CA ALA B 114 -28.56 -16.75 -25.26
C ALA B 114 -29.37 -15.65 -24.58
N ALA B 115 -29.63 -15.82 -23.28
CA ALA B 115 -30.31 -14.80 -22.49
C ALA B 115 -29.32 -13.97 -21.67
N VAL B 116 -29.32 -12.66 -21.88
CA VAL B 116 -28.42 -11.77 -21.16
C VAL B 116 -29.19 -10.88 -20.17
N ILE B 117 -29.00 -11.14 -18.89
CA ILE B 117 -29.69 -10.42 -17.82
C ILE B 117 -28.71 -9.59 -16.97
N ARG B 118 -28.76 -8.27 -17.12
CA ARG B 118 -27.92 -7.38 -16.33
C ARG B 118 -28.33 -7.37 -14.87
N ALA B 119 -27.34 -7.28 -13.98
CA ALA B 119 -27.61 -7.16 -12.56
C ALA B 119 -28.23 -5.80 -12.26
N PRO B 120 -29.30 -5.78 -11.45
CA PRO B 120 -30.02 -4.54 -11.11
C PRO B 120 -29.11 -3.47 -10.54
N ARG B 121 -29.34 -2.23 -10.93
CA ARG B 121 -28.50 -1.12 -10.52
C ARG B 121 -28.66 -0.81 -9.04
N ILE B 122 -27.55 -0.82 -8.31
CA ILE B 122 -27.54 -0.45 -6.91
C ILE B 122 -26.30 0.38 -6.61
N SER B 123 -26.50 1.47 -5.87
CA SER B 123 -25.38 2.35 -5.53
C SER B 123 -24.56 1.74 -4.40
N SER B 124 -23.27 1.54 -4.65
CA SER B 124 -22.41 0.89 -3.67
C SER B 124 -20.93 1.10 -3.98
N PHE B 125 -20.14 1.28 -2.93
CA PHE B 125 -18.69 1.18 -3.04
C PHE B 125 -18.13 0.31 -1.92
N PRO B 126 -17.30 -0.68 -2.27
CA PRO B 126 -16.97 -1.05 -3.64
C PRO B 126 -18.09 -1.83 -4.31
N ARG B 127 -17.90 -2.21 -5.58
CA ARG B 127 -18.87 -3.05 -6.28
C ARG B 127 -19.10 -4.32 -5.48
N PRO B 128 -20.36 -4.65 -5.21
CA PRO B 128 -20.62 -5.79 -4.32
C PRO B 128 -20.47 -7.14 -5.02
N GLN B 129 -20.14 -8.17 -4.25
CA GLN B 129 -20.09 -9.51 -4.78
C GLN B 129 -21.51 -9.99 -4.99
N VAL B 130 -21.78 -10.56 -6.17
CA VAL B 130 -23.14 -10.88 -6.54
C VAL B 130 -23.35 -12.39 -6.65
N THR B 131 -24.38 -12.89 -5.99
CA THR B 131 -24.78 -14.28 -6.13
C THR B 131 -26.15 -14.34 -6.78
N TRP B 132 -26.25 -15.08 -7.88
CA TRP B 132 -27.50 -15.16 -8.63
C TRP B 132 -28.37 -16.31 -8.11
N PHE B 133 -29.67 -16.06 -8.03
CA PHE B 133 -30.62 -17.06 -7.54
C PHE B 133 -31.77 -17.26 -8.52
N ARG B 134 -32.15 -18.52 -8.66
CA ARG B 134 -33.37 -18.91 -9.36
C ARG B 134 -34.29 -19.73 -8.47
N ASP B 135 -35.46 -19.17 -8.17
CA ASP B 135 -36.46 -19.82 -7.32
C ASP B 135 -35.89 -20.30 -5.99
N GLY B 136 -35.11 -19.44 -5.34
CA GLY B 136 -34.56 -19.75 -4.03
C GLY B 136 -33.34 -20.64 -4.06
N ARG B 137 -32.91 -21.00 -5.27
CA ARG B 137 -31.75 -21.87 -5.45
C ARG B 137 -30.60 -21.13 -6.13
N LYS B 138 -29.41 -21.25 -5.56
CA LYS B 138 -28.22 -20.61 -6.14
C LYS B 138 -27.91 -21.21 -7.51
N ILE B 139 -27.55 -20.35 -8.46
CA ILE B 139 -27.16 -20.81 -9.79
C ILE B 139 -25.69 -20.48 -10.05
N PRO B 140 -24.80 -21.47 -9.83
CA PRO B 140 -23.36 -21.32 -10.05
C PRO B 140 -23.00 -21.32 -11.53
N PRO B 141 -21.84 -20.76 -11.88
CA PRO B 141 -21.35 -20.81 -13.26
C PRO B 141 -21.19 -22.25 -13.75
N SER B 142 -21.54 -22.49 -15.00
CA SER B 142 -21.51 -23.85 -15.55
C SER B 142 -21.05 -23.84 -17.00
N SER B 143 -21.26 -24.96 -17.68
CA SER B 143 -20.94 -25.06 -19.10
C SER B 143 -21.85 -24.15 -19.92
N ARG B 144 -23.03 -23.88 -19.39
CA ARG B 144 -24.04 -23.08 -20.09
C ARG B 144 -24.38 -21.78 -19.35
N ILE B 145 -23.80 -21.60 -18.16
CA ILE B 145 -24.07 -20.40 -17.37
C ILE B 145 -22.80 -19.60 -17.07
N ALA B 146 -22.78 -18.35 -17.51
CA ALA B 146 -21.63 -17.48 -17.26
C ALA B 146 -22.01 -16.27 -16.41
N ILE B 147 -21.07 -15.85 -15.55
CA ILE B 147 -21.24 -14.62 -14.77
C ILE B 147 -20.06 -13.68 -14.96
N THR B 148 -20.32 -12.51 -15.53
CA THR B 148 -19.25 -11.59 -15.93
C THR B 148 -18.70 -10.77 -14.76
N LEU B 149 -17.62 -10.04 -15.01
CA LEU B 149 -17.00 -9.19 -14.01
C LEU B 149 -17.89 -8.02 -13.62
N GLU B 150 -18.81 -7.66 -14.51
CA GLU B 150 -19.80 -6.63 -14.21
C GLU B 150 -21.05 -7.25 -13.60
N ASN B 151 -20.92 -8.51 -13.19
CA ASN B 151 -21.99 -9.27 -12.54
C ASN B 151 -23.22 -9.47 -13.42
N THR B 152 -23.03 -9.47 -14.73
CA THR B 152 -24.12 -9.74 -15.66
C THR B 152 -24.28 -11.24 -15.85
N LEU B 153 -25.52 -11.73 -15.77
CA LEU B 153 -25.80 -13.15 -15.94
C LEU B 153 -26.04 -13.50 -17.40
N VAL B 154 -25.32 -14.49 -17.90
CA VAL B 154 -25.46 -14.89 -19.30
C VAL B 154 -25.74 -16.39 -19.43
N ILE B 155 -26.97 -16.72 -19.82
CA ILE B 155 -27.33 -18.10 -20.12
C ILE B 155 -27.05 -18.38 -21.58
N LEU B 156 -26.15 -19.33 -21.85
CA LEU B 156 -25.66 -19.53 -23.20
C LEU B 156 -26.69 -20.20 -24.11
N SER B 157 -27.24 -21.33 -23.66
CA SER B 157 -28.23 -22.04 -24.45
C SER B 157 -29.55 -22.16 -23.70
N THR B 158 -30.42 -21.17 -23.89
CA THR B 158 -31.68 -21.11 -23.17
C THR B 158 -32.63 -22.21 -23.63
N VAL B 159 -33.28 -22.86 -22.66
CA VAL B 159 -34.25 -23.91 -22.96
C VAL B 159 -35.57 -23.62 -22.24
N ALA B 160 -36.55 -24.48 -22.45
CA ALA B 160 -37.87 -24.31 -21.83
C ALA B 160 -37.82 -24.15 -20.31
N PRO B 161 -37.07 -25.02 -19.59
CA PRO B 161 -37.11 -24.82 -18.14
C PRO B 161 -36.20 -23.68 -17.66
N ASP B 162 -35.47 -23.05 -18.59
CA ASP B 162 -34.59 -21.95 -18.23
C ASP B 162 -35.39 -20.68 -17.95
N ALA B 163 -36.60 -20.62 -18.51
CA ALA B 163 -37.48 -19.48 -18.31
C ALA B 163 -37.91 -19.36 -16.85
N GLY B 164 -37.99 -18.14 -16.34
CA GLY B 164 -38.38 -17.91 -14.97
C GLY B 164 -37.81 -16.62 -14.40
N ARG B 165 -37.97 -16.43 -13.09
CA ARG B 165 -37.53 -15.21 -12.44
C ARG B 165 -36.16 -15.39 -11.77
N TYR B 166 -35.21 -14.53 -12.15
CA TYR B 166 -33.87 -14.58 -11.58
C TYR B 166 -33.58 -13.31 -10.80
N TYR B 167 -32.96 -13.45 -9.63
CA TYR B 167 -32.64 -12.25 -8.84
C TYR B 167 -31.25 -12.32 -8.21
N VAL B 168 -30.75 -11.19 -7.73
CA VAL B 168 -29.40 -11.13 -7.19
C VAL B 168 -29.36 -10.84 -5.70
N GLN B 169 -28.45 -11.52 -5.00
CA GLN B 169 -28.10 -11.16 -3.64
C GLN B 169 -26.70 -10.57 -3.65
N ALA B 170 -26.61 -9.29 -3.32
CA ALA B 170 -25.34 -8.58 -3.40
C ALA B 170 -24.80 -8.24 -2.01
N VAL B 171 -23.52 -8.51 -1.81
CA VAL B 171 -22.88 -8.25 -0.53
C VAL B 171 -21.69 -7.30 -0.67
N ASN B 172 -21.67 -6.26 0.14
CA ASN B 172 -20.54 -5.34 0.18
C ASN B 172 -19.45 -5.85 1.12
N ASP B 173 -18.25 -6.06 0.60
CA ASP B 173 -17.18 -6.71 1.35
C ASP B 173 -16.51 -5.81 2.39
N LYS B 174 -16.89 -4.54 2.42
CA LYS B 174 -16.27 -3.59 3.36
C LYS B 174 -17.11 -3.34 4.61
N ASN B 175 -18.43 -3.21 4.43
CA ASN B 175 -19.31 -2.98 5.58
C ASN B 175 -20.22 -4.17 5.88
N GLY B 176 -20.15 -5.19 5.03
CA GLY B 176 -20.91 -6.41 5.23
C GLY B 176 -22.39 -6.31 4.90
N ASP B 177 -22.77 -5.24 4.21
CA ASP B 177 -24.16 -5.06 3.80
C ASP B 177 -24.58 -6.12 2.79
N ASN B 178 -25.79 -6.65 2.96
CA ASN B 178 -26.29 -7.70 2.07
C ASN B 178 -27.75 -7.42 1.67
N LYS B 179 -27.97 -7.20 0.38
CA LYS B 179 -29.31 -6.85 -0.08
C LYS B 179 -29.77 -7.71 -1.25
N THR B 180 -31.08 -7.89 -1.34
CA THR B 180 -31.67 -8.73 -2.39
C THR B 180 -32.54 -7.87 -3.30
N SER B 181 -32.37 -8.04 -4.60
CA SER B 181 -33.08 -7.22 -5.58
C SER B 181 -34.45 -7.77 -5.92
N GLN B 182 -35.18 -7.04 -6.76
CA GLN B 182 -36.47 -7.50 -7.24
C GLN B 182 -36.25 -8.47 -8.39
N PRO B 183 -37.14 -9.46 -8.54
CA PRO B 183 -36.98 -10.50 -9.56
C PRO B 183 -37.02 -9.96 -10.99
N ILE B 184 -36.23 -10.57 -11.87
CA ILE B 184 -36.26 -10.26 -13.30
C ILE B 184 -36.77 -11.49 -14.05
N THR B 185 -37.93 -11.33 -14.69
CA THR B 185 -38.56 -12.46 -15.38
C THR B 185 -38.10 -12.61 -16.82
N LEU B 186 -37.47 -13.74 -17.10
CA LEU B 186 -37.03 -14.08 -18.45
C LEU B 186 -37.97 -15.11 -19.06
N ALA B 187 -38.42 -14.86 -20.29
CA ALA B 187 -39.32 -15.78 -20.98
C ALA B 187 -38.62 -16.47 -22.14
N ALA B 199 -23.52 -21.41 -34.80
CA ALA B 199 -23.68 -19.96 -34.80
C ALA B 199 -22.88 -19.31 -33.67
N PRO B 200 -21.55 -19.22 -33.83
CA PRO B 200 -20.70 -18.62 -32.81
C PRO B 200 -20.76 -17.09 -32.80
N THR B 201 -21.12 -16.52 -31.66
CA THR B 201 -21.14 -15.07 -31.47
C THR B 201 -20.43 -14.70 -30.18
N ILE B 202 -19.89 -13.50 -30.11
CA ILE B 202 -19.24 -13.04 -28.89
C ILE B 202 -20.16 -12.07 -28.15
N ILE B 203 -20.69 -12.53 -27.02
CA ILE B 203 -21.63 -11.72 -26.25
C ILE B 203 -20.90 -10.69 -25.39
N ILE B 204 -19.99 -11.19 -24.55
CA ILE B 204 -19.22 -10.34 -23.67
C ILE B 204 -17.77 -10.31 -24.13
N PRO B 205 -17.41 -9.29 -24.92
CA PRO B 205 -16.06 -9.15 -25.47
C PRO B 205 -15.06 -8.68 -24.44
N PRO B 206 -13.76 -8.97 -24.66
CA PRO B 206 -12.71 -8.45 -23.78
C PRO B 206 -12.74 -6.92 -23.71
N LYS B 207 -12.66 -6.39 -22.50
CA LYS B 207 -12.66 -4.93 -22.32
C LYS B 207 -11.27 -4.41 -22.01
N ASN B 208 -11.02 -3.16 -22.39
CA ASN B 208 -9.77 -2.48 -22.08
C ASN B 208 -9.50 -2.46 -20.58
N THR B 209 -8.33 -2.95 -20.19
CA THR B 209 -8.04 -3.06 -18.76
C THR B 209 -6.71 -2.43 -18.39
N SER B 210 -6.75 -1.49 -17.46
CA SER B 210 -5.53 -0.89 -16.93
C SER B 210 -5.35 -1.30 -15.47
N VAL B 211 -4.14 -1.66 -15.09
CA VAL B 211 -3.88 -2.08 -13.71
C VAL B 211 -2.44 -1.76 -13.32
N VAL B 212 -2.22 -1.51 -12.03
CA VAL B 212 -0.89 -1.19 -11.52
C VAL B 212 -0.16 -2.48 -11.15
N ALA B 213 1.14 -2.54 -11.43
CA ALA B 213 1.93 -3.72 -11.12
C ALA B 213 1.92 -4.03 -9.62
N GLY B 214 1.76 -5.31 -9.29
CA GLY B 214 1.73 -5.75 -7.91
C GLY B 214 0.34 -5.92 -7.33
N THR B 215 -0.68 -5.78 -8.17
CA THR B 215 -2.07 -5.98 -7.74
C THR B 215 -2.46 -7.45 -7.58
N SER B 216 -1.46 -8.33 -7.57
CA SER B 216 -1.65 -9.77 -7.44
C SER B 216 -2.36 -10.45 -8.62
N GLU B 217 -3.27 -9.74 -9.28
CA GLU B 217 -4.02 -10.33 -10.39
C GLU B 217 -4.72 -9.31 -11.28
N VAL B 218 -4.86 -9.66 -12.56
CA VAL B 218 -5.66 -8.88 -13.50
C VAL B 218 -6.33 -9.86 -14.48
N THR B 219 -7.60 -9.62 -14.81
CA THR B 219 -8.34 -10.59 -15.60
C THR B 219 -9.04 -10.02 -16.83
N MET B 220 -8.79 -10.66 -17.97
CA MET B 220 -9.54 -10.39 -19.19
C MET B 220 -10.67 -11.42 -19.30
N GLU B 221 -11.75 -11.07 -20.00
CA GLU B 221 -12.90 -11.95 -20.06
C GLU B 221 -13.56 -11.99 -21.44
N CYS B 222 -14.00 -13.17 -21.86
CA CYS B 222 -14.66 -13.33 -23.15
C CYS B 222 -15.71 -14.43 -23.10
N VAL B 223 -16.98 -14.04 -23.24
CA VAL B 223 -18.09 -15.00 -23.24
C VAL B 223 -18.65 -15.19 -24.64
N ALA B 224 -18.59 -16.43 -25.14
CA ALA B 224 -19.08 -16.74 -26.47
C ALA B 224 -20.29 -17.68 -26.41
N ASN B 225 -21.12 -17.62 -27.44
CA ASN B 225 -22.32 -18.46 -27.51
C ASN B 225 -22.44 -19.16 -28.86
N ALA B 226 -22.92 -20.40 -28.84
CA ALA B 226 -23.11 -21.17 -30.06
C ALA B 226 -24.06 -22.34 -29.83
N ARG B 227 -24.70 -22.80 -30.91
CA ARG B 227 -25.52 -24.01 -30.86
C ARG B 227 -25.11 -24.96 -31.98
N PRO B 228 -24.66 -26.17 -31.62
CA PRO B 228 -24.52 -26.69 -30.24
C PRO B 228 -23.33 -26.10 -29.50
N LEU B 229 -23.51 -25.86 -28.20
CA LEU B 229 -22.50 -25.19 -27.38
C LEU B 229 -21.25 -26.03 -27.15
N ILE B 230 -21.38 -27.34 -27.25
CA ILE B 230 -20.27 -28.25 -26.96
C ILE B 230 -19.14 -28.13 -27.98
N LYS B 231 -19.48 -27.74 -29.20
CA LYS B 231 -18.48 -27.61 -30.26
C LYS B 231 -17.78 -26.25 -30.22
N LEU B 232 -18.33 -25.33 -29.43
CA LEU B 232 -17.76 -24.00 -29.32
C LEU B 232 -16.44 -24.02 -28.57
N HIS B 233 -15.43 -23.36 -29.12
CA HIS B 233 -14.11 -23.32 -28.49
C HIS B 233 -13.52 -21.92 -28.49
N ILE B 234 -12.95 -21.53 -27.35
CA ILE B 234 -12.34 -20.21 -27.19
C ILE B 234 -10.82 -20.29 -27.06
N VAL B 235 -10.13 -19.57 -27.95
CA VAL B 235 -8.68 -19.48 -27.91
C VAL B 235 -8.26 -18.07 -27.50
N TRP B 236 -7.32 -17.99 -26.56
CA TRP B 236 -6.81 -16.70 -26.09
C TRP B 236 -5.48 -16.37 -26.76
N LYS B 237 -5.33 -15.13 -27.19
CA LYS B 237 -4.09 -14.70 -27.84
C LYS B 237 -3.53 -13.41 -27.25
N LYS B 238 -2.21 -13.31 -27.23
CA LYS B 238 -1.53 -12.07 -26.89
C LYS B 238 -0.67 -11.64 -28.07
N ASP B 239 -1.03 -10.52 -28.69
CA ASP B 239 -0.33 -9.99 -29.86
C ASP B 239 -0.20 -11.04 -30.95
N GLY B 240 -1.24 -11.85 -31.11
CA GLY B 240 -1.27 -12.88 -32.13
C GLY B 240 -0.72 -14.23 -31.74
N ALA B 241 -0.16 -14.33 -30.53
CA ALA B 241 0.41 -15.59 -30.09
C ALA B 241 -0.49 -16.30 -29.08
N PRO B 242 -0.79 -17.58 -29.30
CA PRO B 242 -1.72 -18.31 -28.43
C PRO B 242 -1.19 -18.53 -27.01
N LEU B 243 -2.05 -18.33 -26.02
CA LEU B 243 -1.72 -18.56 -24.61
C LEU B 243 -2.43 -19.78 -24.06
N SER B 244 -1.70 -20.58 -23.29
CA SER B 244 -2.23 -21.81 -22.73
C SER B 244 -2.28 -21.72 -21.20
N SER B 245 -1.88 -20.57 -20.68
CA SER B 245 -1.81 -20.37 -19.24
C SER B 245 -2.64 -19.18 -18.78
N GLY B 246 -3.21 -19.30 -17.58
CA GLY B 246 -4.03 -18.24 -17.00
C GLY B 246 -5.48 -18.34 -17.41
N ILE B 247 -5.82 -19.42 -18.12
CA ILE B 247 -7.17 -19.63 -18.60
C ILE B 247 -8.01 -20.43 -17.60
N SER B 248 -9.23 -19.97 -17.35
CA SER B 248 -10.12 -20.63 -16.40
C SER B 248 -11.58 -20.36 -16.73
N ASP B 249 -12.47 -20.96 -15.93
CA ASP B 249 -13.92 -20.77 -16.06
C ASP B 249 -14.42 -21.05 -17.47
N TYR B 250 -14.22 -22.28 -17.94
CA TYR B 250 -14.66 -22.72 -19.25
C TYR B 250 -14.13 -21.80 -20.36
N ASN B 251 -12.84 -21.47 -20.26
CA ASN B 251 -12.15 -20.63 -21.24
C ASN B 251 -12.74 -19.24 -21.39
N ARG B 252 -13.43 -18.76 -20.35
CA ARG B 252 -14.04 -17.44 -20.39
C ARG B 252 -13.21 -16.42 -19.62
N ARG B 253 -12.31 -16.91 -18.77
CA ARG B 253 -11.47 -16.03 -17.96
C ARG B 253 -9.98 -16.22 -18.25
N LEU B 254 -9.29 -15.11 -18.51
CA LEU B 254 -7.84 -15.13 -18.65
C LEU B 254 -7.20 -14.31 -17.54
N THR B 255 -6.58 -15.00 -16.58
CA THR B 255 -6.03 -14.33 -15.39
C THR B 255 -4.52 -14.28 -15.41
N ILE B 256 -3.97 -13.09 -15.24
CA ILE B 256 -2.53 -12.88 -15.09
C ILE B 256 -2.23 -12.52 -13.64
N ALA B 257 -1.48 -13.39 -12.97
CA ALA B 257 -1.08 -13.15 -11.59
C ALA B 257 0.15 -12.26 -11.53
N ASN B 258 0.12 -11.27 -10.63
CA ASN B 258 1.20 -10.30 -10.47
C ASN B 258 1.59 -9.66 -11.81
N PRO B 259 0.70 -8.84 -12.38
CA PRO B 259 0.95 -8.26 -13.69
C PRO B 259 2.14 -7.31 -13.71
N THR B 260 2.92 -7.38 -14.79
CA THR B 260 4.09 -6.53 -14.95
C THR B 260 3.97 -5.81 -16.30
N VAL B 261 4.77 -4.76 -16.48
CA VAL B 261 4.74 -3.97 -17.72
C VAL B 261 4.97 -4.82 -18.97
N SER B 262 5.62 -5.97 -18.81
CA SER B 262 5.84 -6.91 -19.91
C SER B 262 4.55 -7.61 -20.31
N ASP B 263 3.57 -7.64 -19.40
CA ASP B 263 2.30 -8.31 -19.67
C ASP B 263 1.32 -7.41 -20.42
N ALA B 264 1.75 -6.18 -20.69
CA ALA B 264 0.91 -5.24 -21.42
C ALA B 264 0.84 -5.60 -22.90
N GLY B 265 -0.28 -5.27 -23.54
CA GLY B 265 -0.44 -5.58 -24.95
C GLY B 265 -1.85 -5.95 -25.35
N TYR B 266 -2.02 -6.39 -26.59
CA TYR B 266 -3.34 -6.67 -27.13
C TYR B 266 -3.75 -8.13 -26.94
N TYR B 267 -4.79 -8.35 -26.14
CA TYR B 267 -5.31 -9.68 -25.89
C TYR B 267 -6.60 -9.96 -26.65
N GLU B 268 -6.62 -11.05 -27.40
CA GLU B 268 -7.76 -11.41 -28.26
C GLU B 268 -8.47 -12.68 -27.82
N CYS B 269 -9.78 -12.67 -27.95
CA CYS B 269 -10.62 -13.84 -27.77
C CYS B 269 -11.11 -14.32 -29.12
N GLU B 270 -10.79 -15.56 -29.47
CA GLU B 270 -11.21 -16.14 -30.75
C GLU B 270 -12.12 -17.34 -30.54
N ALA B 271 -13.38 -17.20 -30.96
CA ALA B 271 -14.36 -18.26 -30.83
C ALA B 271 -14.58 -18.99 -32.14
N MET B 272 -14.46 -20.31 -32.12
CA MET B 272 -14.60 -21.12 -33.32
C MET B 272 -15.44 -22.36 -33.08
N LEU B 273 -15.92 -22.95 -34.17
CA LEU B 273 -16.64 -24.23 -34.11
C LEU B 273 -15.78 -25.36 -34.67
N ARG B 274 -15.63 -26.42 -33.89
CA ARG B 274 -14.82 -27.57 -34.29
C ARG B 274 -15.49 -28.42 -35.38
N SER B 275 -16.31 -27.78 -36.20
CA SER B 275 -17.01 -28.44 -37.31
C SER B 275 -17.55 -27.37 -38.25
N SER B 276 -17.86 -27.77 -39.48
CA SER B 276 -18.44 -26.87 -40.48
C SER B 276 -17.51 -25.72 -40.87
N SER B 277 -17.93 -24.95 -41.87
CA SER B 277 -17.10 -23.91 -42.47
C SER B 277 -17.28 -22.53 -41.84
N VAL B 278 -18.03 -22.45 -40.76
CA VAL B 278 -18.34 -21.16 -40.13
C VAL B 278 -17.07 -20.44 -39.69
N ALA B 279 -16.92 -19.19 -40.12
CA ALA B 279 -15.76 -18.38 -39.78
C ALA B 279 -15.71 -18.04 -38.30
N PRO B 280 -14.49 -17.99 -37.73
CA PRO B 280 -14.31 -17.68 -36.31
C PRO B 280 -14.65 -16.22 -36.01
N VAL B 281 -14.95 -15.91 -34.76
CA VAL B 281 -15.18 -14.53 -34.36
C VAL B 281 -14.12 -14.08 -33.36
N THR B 282 -13.49 -12.95 -33.65
CA THR B 282 -12.37 -12.49 -32.83
C THR B 282 -12.63 -11.09 -32.28
N ARG B 283 -12.50 -10.94 -30.97
CA ARG B 283 -12.63 -9.63 -30.34
C ARG B 283 -11.53 -9.43 -29.30
N GLY B 284 -10.86 -8.28 -29.36
CA GLY B 284 -9.72 -8.05 -28.50
C GLY B 284 -9.73 -6.72 -27.78
N ALA B 285 -8.82 -6.57 -26.81
CA ALA B 285 -8.71 -5.34 -26.05
C ALA B 285 -7.28 -5.13 -25.56
N TYR B 286 -6.99 -3.92 -25.10
CA TYR B 286 -5.64 -3.60 -24.63
C TYR B 286 -5.51 -3.72 -23.12
N LEU B 287 -4.44 -4.37 -22.70
CA LEU B 287 -4.05 -4.41 -21.30
C LEU B 287 -2.88 -3.47 -21.06
N SER B 288 -3.08 -2.50 -20.18
CA SER B 288 -2.04 -1.55 -19.82
C SER B 288 -1.60 -1.77 -18.36
N VAL B 289 -0.35 -2.15 -18.17
CA VAL B 289 0.21 -2.27 -16.84
C VAL B 289 0.99 -1.00 -16.52
N LEU B 290 0.63 -0.36 -15.43
CA LEU B 290 1.14 0.97 -15.11
C LEU B 290 2.06 0.98 -13.91
N GLU B 291 3.03 1.88 -13.94
CA GLU B 291 3.93 2.10 -12.80
C GLU B 291 3.92 3.57 -12.41
N PRO B 292 3.70 3.85 -11.12
CA PRO B 292 3.65 5.24 -10.63
C PRO B 292 4.98 5.97 -10.86
N PRO B 293 4.95 7.31 -10.87
CA PRO B 293 6.16 8.08 -11.16
C PRO B 293 7.22 7.91 -10.08
N GLN B 294 8.47 7.75 -10.50
CA GLN B 294 9.58 7.78 -9.56
C GLN B 294 10.67 8.68 -10.14
N PHE B 295 11.22 9.53 -9.27
CA PHE B 295 12.17 10.55 -9.70
C PHE B 295 13.53 9.98 -10.09
N VAL B 296 14.06 10.48 -11.19
CA VAL B 296 15.40 10.13 -11.64
C VAL B 296 16.37 11.23 -11.20
N ARG B 297 15.98 12.47 -11.47
CA ARG B 297 16.77 13.62 -11.05
C ARG B 297 15.91 14.59 -10.24
N GLU B 298 16.43 15.03 -9.09
CA GLU B 298 15.72 15.95 -8.22
C GLU B 298 16.56 17.20 -7.94
N PRO B 299 15.90 18.32 -7.62
CA PRO B 299 16.64 19.53 -7.23
C PRO B 299 17.28 19.38 -5.86
N GLU B 300 18.29 20.18 -5.58
CA GLU B 300 18.92 20.20 -4.26
C GLU B 300 17.96 20.84 -3.27
N ARG B 301 18.13 20.51 -1.99
CA ARG B 301 17.26 21.03 -0.94
C ARG B 301 17.19 22.55 -0.95
N HIS B 302 18.35 23.17 -1.17
CA HIS B 302 18.41 24.62 -1.29
C HIS B 302 19.16 25.05 -2.55
N ILE B 303 18.53 25.89 -3.35
CA ILE B 303 19.13 26.40 -4.58
C ILE B 303 19.29 27.91 -4.49
N THR B 304 20.52 28.38 -4.63
CA THR B 304 20.82 29.81 -4.55
C THR B 304 21.22 30.39 -5.90
N ALA B 305 20.73 31.58 -6.20
CA ALA B 305 21.02 32.21 -7.49
C ALA B 305 20.93 33.74 -7.42
N GLU B 306 21.68 34.39 -8.31
CA GLU B 306 21.81 35.85 -8.33
C GLU B 306 20.66 36.57 -9.02
N MET B 307 20.43 37.82 -8.63
CA MET B 307 19.34 38.63 -9.20
C MET B 307 19.58 38.96 -10.66
N GLU B 308 18.49 39.01 -11.43
CA GLU B 308 18.50 39.39 -12.84
C GLU B 308 19.19 38.33 -13.69
N LYS B 309 19.66 37.27 -13.04
CA LYS B 309 20.31 36.16 -13.73
C LYS B 309 19.34 35.01 -13.97
N VAL B 310 19.85 33.92 -14.56
CA VAL B 310 19.04 32.77 -14.91
C VAL B 310 19.39 31.55 -14.05
N VAL B 311 18.37 30.81 -13.61
CA VAL B 311 18.59 29.60 -12.81
C VAL B 311 17.93 28.38 -13.45
N ASP B 312 18.66 27.26 -13.45
CA ASP B 312 18.13 25.99 -13.92
C ASP B 312 17.87 25.03 -12.76
N ILE B 313 16.61 24.65 -12.60
CA ILE B 313 16.22 23.70 -11.56
C ILE B 313 15.70 22.42 -12.21
N PRO B 314 16.44 21.31 -12.03
CA PRO B 314 16.17 20.05 -12.74
C PRO B 314 15.05 19.22 -12.13
N CYS B 315 14.34 18.47 -12.97
CA CYS B 315 13.31 17.55 -12.51
C CYS B 315 12.90 16.55 -13.60
N ARG B 316 13.39 15.32 -13.48
CA ARG B 316 13.01 14.25 -14.40
C ARG B 316 12.47 13.07 -13.62
N ALA B 317 11.47 12.39 -14.19
CA ALA B 317 10.89 11.21 -13.55
C ALA B 317 10.46 10.18 -14.58
N LYS B 318 10.38 8.92 -14.16
CA LYS B 318 9.95 7.84 -15.06
C LYS B 318 8.73 7.10 -14.52
N GLY B 319 7.89 6.63 -15.45
CA GLY B 319 6.69 5.87 -15.14
C GLY B 319 6.02 5.37 -16.41
N VAL B 320 5.02 4.49 -16.25
CA VAL B 320 4.24 3.98 -17.38
C VAL B 320 2.75 4.32 -17.21
N PRO B 321 2.19 5.18 -18.08
CA PRO B 321 2.85 5.91 -19.17
C PRO B 321 3.77 7.00 -18.64
N PRO B 322 4.62 7.59 -19.51
CA PRO B 322 5.56 8.62 -19.04
C PRO B 322 4.87 9.77 -18.31
N PRO B 323 5.30 10.05 -17.08
CA PRO B 323 4.63 11.02 -16.20
C PRO B 323 4.81 12.45 -16.66
N SER B 324 3.73 13.23 -16.64
CA SER B 324 3.82 14.65 -16.93
C SER B 324 4.36 15.39 -15.72
N ILE B 325 5.09 16.48 -15.94
CA ILE B 325 5.74 17.18 -14.85
C ILE B 325 5.28 18.62 -14.74
N THR B 326 4.80 19.01 -13.55
CA THR B 326 4.23 20.33 -13.33
C THR B 326 4.87 21.00 -12.11
N TRP B 327 5.11 22.31 -12.23
CA TRP B 327 5.75 23.06 -11.16
C TRP B 327 4.77 23.95 -10.39
N TYR B 328 5.03 24.10 -9.10
CA TYR B 328 4.26 24.99 -8.23
C TYR B 328 5.20 25.91 -7.45
N LYS B 329 4.81 27.18 -7.29
CA LYS B 329 5.58 28.08 -6.45
C LYS B 329 4.77 28.50 -5.23
N ASP B 330 5.19 28.02 -4.06
CA ASP B 330 4.47 28.26 -2.81
C ASP B 330 3.00 27.86 -2.92
N ALA B 331 2.78 26.59 -3.24
CA ALA B 331 1.45 25.99 -3.33
C ALA B 331 0.58 26.63 -4.41
N ALA B 332 1.21 27.44 -5.27
CA ALA B 332 0.49 28.07 -6.38
C ALA B 332 1.09 27.64 -7.70
N LEU B 333 0.23 27.39 -8.69
CA LEU B 333 0.65 26.95 -10.00
C LEU B 333 1.52 28.01 -10.65
N VAL B 334 2.62 27.59 -11.27
CA VAL B 334 3.52 28.53 -11.95
C VAL B 334 2.95 28.83 -13.33
N GLU B 335 2.82 30.11 -13.63
CA GLU B 335 2.22 30.52 -14.89
C GLU B 335 3.22 30.46 -16.03
N VAL B 336 3.14 29.37 -16.78
CA VAL B 336 3.99 29.14 -17.93
C VAL B 336 3.33 29.83 -19.12
N GLY B 337 2.10 30.30 -18.93
CA GLY B 337 1.43 31.06 -19.96
C GLY B 337 2.23 32.34 -20.16
N LYS B 338 2.49 33.04 -19.06
CA LYS B 338 3.34 34.22 -19.08
C LYS B 338 4.79 33.76 -18.91
N LEU B 339 5.32 33.07 -19.92
CA LEU B 339 6.61 32.42 -19.77
C LEU B 339 7.83 33.27 -20.12
N THR B 340 7.73 34.58 -19.95
CA THR B 340 8.85 35.43 -20.31
C THR B 340 10.05 35.14 -19.41
N ARG B 341 9.77 34.90 -18.12
CA ARG B 341 10.84 34.58 -17.18
C ARG B 341 10.92 33.08 -16.88
N PHE B 342 9.77 32.42 -16.88
CA PHE B 342 9.67 30.99 -16.53
C PHE B 342 9.50 30.11 -17.75
N LYS B 343 10.44 29.20 -17.97
CA LYS B 343 10.31 28.27 -19.09
C LYS B 343 10.48 26.84 -18.64
N GLN B 344 9.66 25.93 -19.15
CA GLN B 344 9.80 24.53 -18.79
C GLN B 344 10.39 23.74 -19.96
N ARG B 345 11.54 23.13 -19.72
CA ARG B 345 12.21 22.34 -20.74
C ARG B 345 11.45 21.05 -20.99
N SER B 346 11.67 20.46 -22.16
CA SER B 346 10.96 19.25 -22.56
C SER B 346 11.25 18.12 -21.57
N ASP B 347 12.45 18.11 -21.02
CA ASP B 347 12.84 17.12 -20.02
C ASP B 347 12.07 17.32 -18.71
N GLY B 348 11.51 18.51 -18.53
CA GLY B 348 10.72 18.80 -17.36
C GLY B 348 11.34 19.81 -16.40
N GLY B 349 12.56 20.25 -16.72
CA GLY B 349 13.25 21.22 -15.88
C GLY B 349 12.64 22.60 -15.94
N LEU B 350 12.78 23.35 -14.85
CA LEU B 350 12.29 24.72 -14.79
C LEU B 350 13.43 25.73 -14.86
N GLN B 351 13.30 26.70 -15.75
CA GLN B 351 14.28 27.76 -15.91
C GLN B 351 13.67 29.11 -15.55
N ILE B 352 14.27 29.80 -14.60
CA ILE B 352 13.79 31.14 -14.29
C ILE B 352 14.82 32.20 -14.69
N SER B 353 14.45 33.02 -15.67
CA SER B 353 15.33 34.07 -16.17
C SER B 353 14.94 35.43 -15.59
N GLY B 354 15.90 36.33 -15.48
CA GLY B 354 15.67 37.64 -14.91
C GLY B 354 15.15 37.51 -13.49
N LEU B 355 15.91 36.80 -12.67
CA LEU B 355 15.52 36.49 -11.30
C LEU B 355 15.23 37.72 -10.46
N LEU B 356 14.04 37.75 -9.87
CA LEU B 356 13.65 38.84 -8.99
C LEU B 356 13.65 38.36 -7.54
N PRO B 357 13.78 39.29 -6.58
CA PRO B 357 13.75 38.92 -5.16
C PRO B 357 12.43 38.30 -4.71
N ASP B 358 11.39 38.45 -5.51
CA ASP B 358 10.07 37.92 -5.18
C ASP B 358 9.94 36.45 -5.60
N ASP B 359 10.97 35.95 -6.28
CA ASP B 359 10.99 34.55 -6.68
C ASP B 359 11.52 33.68 -5.54
N THR B 360 11.96 34.33 -4.46
CA THR B 360 12.44 33.62 -3.28
C THR B 360 11.32 32.86 -2.61
N GLY B 361 11.53 31.58 -2.34
CA GLY B 361 10.50 30.78 -1.70
C GLY B 361 10.55 29.32 -2.09
N MET B 362 9.53 28.57 -1.68
CA MET B 362 9.49 27.13 -1.94
C MET B 362 9.00 26.80 -3.34
N LEU B 363 9.81 26.07 -4.09
CA LEU B 363 9.42 25.54 -5.38
C LEU B 363 9.20 24.04 -5.29
N GLN B 364 8.11 23.59 -5.89
CA GLN B 364 7.70 22.19 -5.80
C GLN B 364 7.53 21.59 -7.18
N CYS B 365 8.07 20.39 -7.36
CA CYS B 365 7.94 19.68 -8.62
C CYS B 365 7.08 18.44 -8.41
N PHE B 366 5.95 18.40 -9.12
CA PHE B 366 5.05 17.27 -9.08
C PHE B 366 5.12 16.45 -10.36
N ALA B 367 5.46 15.17 -10.21
CA ALA B 367 5.46 14.24 -11.33
C ALA B 367 4.20 13.39 -11.24
N HIS B 368 3.34 13.49 -12.24
CA HIS B 368 2.03 12.87 -12.18
C HIS B 368 1.82 11.85 -13.29
N ASN B 369 1.25 10.71 -12.91
CA ASN B 369 0.82 9.68 -13.84
C ASN B 369 -0.49 9.07 -13.37
N ALA B 370 -1.14 8.29 -14.24
CA ALA B 370 -2.44 7.68 -13.92
C ALA B 370 -2.35 6.73 -12.73
N ALA B 371 -1.13 6.27 -12.44
CA ALA B 371 -0.93 5.33 -11.34
C ALA B 371 -0.65 6.04 -10.02
N GLY B 372 -0.45 7.36 -10.08
CA GLY B 372 -0.21 8.12 -8.86
C GLY B 372 0.66 9.34 -9.09
N GLU B 373 1.05 10.00 -8.00
CA GLU B 373 1.85 11.22 -8.10
C GLU B 373 3.02 11.21 -7.13
N ALA B 374 4.06 11.95 -7.47
CA ALA B 374 5.24 12.09 -6.63
C ALA B 374 5.63 13.56 -6.54
N GLN B 375 6.26 13.94 -5.44
CA GLN B 375 6.58 15.34 -5.19
C GLN B 375 7.97 15.54 -4.62
N THR B 376 8.68 16.53 -5.15
CA THR B 376 9.97 16.93 -4.59
C THR B 376 10.01 18.43 -4.40
N SER B 377 10.69 18.90 -3.35
CA SER B 377 10.67 20.33 -3.04
C SER B 377 12.07 20.92 -2.93
N THR B 378 12.14 22.24 -3.02
CA THR B 378 13.41 22.95 -2.91
C THR B 378 13.19 24.40 -2.49
N TYR B 379 14.14 24.97 -1.76
CA TYR B 379 14.03 26.36 -1.34
C TYR B 379 14.89 27.24 -2.23
N LEU B 380 14.26 28.12 -2.99
CA LEU B 380 14.97 29.04 -3.88
C LEU B 380 15.27 30.35 -3.16
N ALA B 381 16.57 30.61 -2.97
CA ALA B 381 17.02 31.85 -2.36
C ALA B 381 17.73 32.73 -3.38
N VAL B 382 17.20 33.94 -3.59
CA VAL B 382 17.79 34.87 -4.53
C VAL B 382 18.65 35.89 -3.79
N THR B 383 19.96 35.83 -4.02
CA THR B 383 20.91 36.68 -3.31
C THR B 383 20.72 38.17 -3.59
N SER B 384 21.29 38.98 -2.72
CA SER B 384 21.16 40.45 -2.77
C SER B 384 19.70 40.89 -2.67
C1 NAG C . 23.03 -6.15 13.11
C2 NAG C . 23.58 -6.47 14.48
C3 NAG C . 24.95 -7.13 14.35
C4 NAG C . 24.91 -8.31 13.39
C5 NAG C . 24.16 -7.96 12.09
C6 NAG C . 23.85 -9.17 11.24
C7 NAG C . 23.31 -5.25 16.60
C8 NAG C . 23.47 -3.94 17.31
N2 NAG C . 23.67 -5.27 15.31
O3 NAG C . 25.39 -7.56 15.63
O4 NAG C . 26.25 -8.65 13.05
O5 NAG C . 22.91 -7.33 12.36
O6 NAG C . 23.41 -8.80 9.95
O7 NAG C . 22.87 -6.25 17.16
C1 NAG C . 26.65 -10.04 13.20
C2 NAG C . 26.43 -10.63 14.60
C3 NAG C . 27.00 -12.04 14.68
C4 NAG C . 26.47 -12.90 13.52
C5 NAG C . 26.71 -12.20 12.19
C6 NAG C . 26.11 -12.94 11.02
C7 NAG C . 26.74 -9.89 16.92
C8 NAG C . 27.46 -8.93 17.83
N2 NAG C . 27.03 -9.78 15.62
O3 NAG C . 26.65 -12.64 15.91
O4 NAG C . 27.13 -14.16 13.51
O5 NAG C . 26.10 -10.90 12.21
O6 NAG C . 26.21 -12.19 9.82
O7 NAG C . 25.94 -10.71 17.35
C1 FUC C . 23.07 -10.00 9.23
C2 FUC C . 21.70 -9.80 8.58
C3 FUC C . 21.79 -8.70 7.52
C4 FUC C . 22.88 -9.06 6.48
C5 FUC C . 24.21 -9.39 7.19
C6 FUC C . 25.23 -10.02 6.25
O2 FUC C . 20.69 -9.49 9.54
O3 FUC C . 20.55 -8.59 6.83
O4 FUC C . 22.45 -10.17 5.71
O5 FUC C . 24.03 -10.33 8.27
C1 NAG D . -0.92 21.02 20.78
C2 NAG D . -0.74 22.09 19.70
C3 NAG D . -0.05 23.33 20.28
C4 NAG D . -0.72 23.79 21.57
C5 NAG D . -0.95 22.62 22.53
C6 NAG D . -1.78 22.98 23.73
C7 NAG D . 0.06 22.13 17.36
C8 NAG D . 0.93 21.46 16.35
N2 NAG D . 0.04 21.56 18.58
O3 NAG D . -0.08 24.38 19.32
O4 NAG D . 0.15 24.71 22.21
O5 NAG D . -1.65 21.56 21.85
O6 NAG D . -2.29 21.82 24.38
O7 NAG D . -0.60 23.13 17.11
C1 NAG D . -0.46 25.98 22.48
C2 NAG D . 0.18 26.52 23.75
C3 NAG D . -0.39 27.90 24.08
C4 NAG D . -0.25 28.84 22.90
C5 NAG D . -0.87 28.21 21.65
C6 NAG D . -0.66 29.03 20.40
C7 NAG D . 0.99 25.06 25.55
C8 NAG D . 0.60 24.13 26.66
N2 NAG D . -0.02 25.61 24.86
O3 NAG D . 0.30 28.43 25.21
O4 NAG D . -0.88 30.08 23.17
O5 NAG D . -0.27 26.93 21.41
O6 NAG D . 0.28 30.07 20.62
O7 NAG D . 2.16 25.30 25.28
C1 NAG E . -9.69 0.17 -26.16
C2 NAG E . -10.94 0.46 -26.98
C3 NAG E . -10.58 0.60 -28.46
C4 NAG E . -9.43 1.58 -28.66
C5 NAG E . -8.27 1.21 -27.74
C6 NAG E . -7.12 2.18 -27.77
C7 NAG E . -13.26 -0.29 -26.70
C8 NAG E . -14.16 -1.47 -26.51
N2 NAG E . -11.96 -0.55 -26.79
O3 NAG E . -11.75 1.01 -29.17
O4 NAG E . -8.96 1.55 -30.00
O5 NAG E . -8.73 1.16 -26.39
O6 NAG E . -6.20 1.87 -26.73
O7 NAG E . -13.70 0.85 -26.77
C1 NAG E . -9.74 2.42 -30.86
C2 NAG E . -8.84 3.30 -31.72
C3 NAG E . -9.68 4.18 -32.64
C4 NAG E . -10.67 3.34 -33.43
C5 NAG E . -11.50 2.47 -32.48
C6 NAG E . -12.42 1.51 -33.20
C7 NAG E . -6.64 3.92 -30.84
C8 NAG E . -5.87 4.86 -29.95
N2 NAG E . -7.95 4.12 -30.90
O3 NAG E . -8.83 4.89 -33.53
O4 NAG E . -11.55 4.17 -34.17
O5 NAG E . -10.61 1.66 -31.68
O6 NAG E . -12.76 0.40 -32.38
O7 NAG E . -6.08 3.03 -31.46
C1 FUC E . -5.21 2.90 -26.59
C2 FUC E . -4.73 2.92 -25.13
C3 FUC E . -3.98 1.62 -24.80
C4 FUC E . -2.83 1.41 -25.80
C5 FUC E . -3.36 1.50 -27.24
C6 FUC E . -2.24 1.52 -28.28
O2 FUC E . -5.81 3.11 -24.23
O3 FUC E . -3.41 1.70 -23.50
O4 FUC E . -1.83 2.39 -25.59
O5 FUC E . -4.13 2.71 -27.46
#